data_6R9H
#
_entry.id   6R9H
#
_cell.length_a   28.937
_cell.length_b   56.185
_cell.length_c   100.874
_cell.angle_alpha   82.59
_cell.angle_beta   84.21
_cell.angle_gamma   78.59
#
_symmetry.space_group_name_H-M   'P 1'
#
loop_
_entity.id
_entity.type
_entity.pdbx_description
1 polymer Syntenin-1
2 non-polymer 'PHOSPHATE ION'
3 non-polymer '(2~{S})-2-[2-(4-chlorophenyl)sulfanylethanoylamino]-3-methyl-butanoic acid'
4 non-polymer 'ACETATE ION'
5 water water
#
_entity_poly.entity_id   1
_entity_poly.type   'polypeptide(L)'
_entity_poly.pdbx_seq_one_letter_code
;GAMDPREVILCKDQDGKIGLRLKSIDNGIFVQLVQANSPASLVGLRFGDQVLQINGENCAGWSSDKAHKVLKQAFGEKIT
MTIRDRPFERTITMHKDSTGHVGFIFKNGKITSIVKDSSAARNGLLTEHNICEINGQNVIGLKDSQIADILSTSGTVVTI
TIMPAF
;
_entity_poly.pdbx_strand_id   A,B,C,D
#
# COMPACT_ATOMS: atom_id res chain seq x y z
N ASP A 4 -20.59 -7.61 8.11
CA ASP A 4 -20.05 -7.99 9.45
C ASP A 4 -20.49 -9.42 9.77
N PRO A 5 -19.55 -10.38 9.96
CA PRO A 5 -19.88 -11.69 10.56
C PRO A 5 -20.48 -11.58 11.97
N ARG A 6 -21.23 -12.61 12.38
CA ARG A 6 -21.67 -12.78 13.79
C ARG A 6 -21.36 -14.20 14.23
N GLU A 7 -21.14 -14.38 15.54
CA GLU A 7 -20.92 -15.71 16.17
C GLU A 7 -22.26 -16.19 16.75
N VAL A 8 -22.56 -17.46 16.51
CA VAL A 8 -23.83 -18.07 16.94
C VAL A 8 -23.47 -19.35 17.69
N ILE A 9 -24.23 -19.68 18.73
CA ILE A 9 -24.11 -20.92 19.56
C ILE A 9 -25.37 -21.75 19.30
N LEU A 10 -25.23 -22.95 18.76
CA LEU A 10 -26.38 -23.88 18.60
C LEU A 10 -26.23 -24.97 19.67
N CYS A 11 -27.34 -25.33 20.30
CA CYS A 11 -27.45 -26.51 21.18
C CYS A 11 -28.11 -27.62 20.37
N LYS A 12 -27.45 -28.76 20.30
CA LYS A 12 -27.94 -29.93 19.52
C LYS A 12 -29.31 -30.31 20.10
N ASP A 13 -30.21 -30.79 19.26
CA ASP A 13 -31.58 -31.22 19.68
C ASP A 13 -31.47 -32.63 20.29
N GLN A 14 -32.60 -33.26 20.59
CA GLN A 14 -32.69 -34.59 21.25
C GLN A 14 -31.97 -35.65 20.40
N ASP A 15 -31.90 -35.47 19.08
CA ASP A 15 -31.26 -36.46 18.16
C ASP A 15 -29.79 -36.14 17.93
N GLY A 16 -29.24 -35.09 18.56
CA GLY A 16 -27.84 -34.65 18.37
C GLY A 16 -27.63 -33.79 17.12
N LYS A 17 -28.69 -33.28 16.49
CA LYS A 17 -28.65 -32.56 15.18
C LYS A 17 -28.91 -31.07 15.39
N ILE A 18 -28.49 -30.23 14.44
CA ILE A 18 -28.71 -28.76 14.51
C ILE A 18 -29.74 -28.35 13.46
N GLY A 19 -30.07 -29.20 12.47
CA GLY A 19 -31.11 -28.94 11.43
C GLY A 19 -30.59 -28.09 10.27
N LEU A 20 -29.38 -28.44 9.80
CA LEU A 20 -28.62 -27.68 8.77
C LEU A 20 -28.20 -28.64 7.65
N ARG A 21 -28.35 -28.23 6.40
CA ARG A 21 -27.60 -28.77 5.23
C ARG A 21 -26.71 -27.65 4.68
N LEU A 22 -25.45 -27.94 4.40
CA LEU A 22 -24.41 -27.00 3.92
C LEU A 22 -24.03 -27.38 2.47
N LYS A 23 -23.53 -26.39 1.72
CA LYS A 23 -23.04 -26.55 0.32
C LYS A 23 -21.75 -25.73 0.10
N SER A 24 -20.74 -26.36 -0.47
CA SER A 24 -19.47 -25.71 -0.89
C SER A 24 -19.70 -24.92 -2.19
N ILE A 25 -19.46 -23.61 -2.18
CA ILE A 25 -19.52 -22.76 -3.41
C ILE A 25 -18.34 -21.78 -3.38
N ASP A 26 -17.54 -21.71 -4.44
CA ASP A 26 -16.47 -20.69 -4.63
C ASP A 26 -15.54 -20.68 -3.41
N ASN A 27 -15.19 -21.86 -2.93
CA ASN A 27 -14.26 -22.10 -1.79
C ASN A 27 -14.84 -21.53 -0.50
N GLY A 28 -16.15 -21.32 -0.42
CA GLY A 28 -16.85 -20.99 0.83
C GLY A 28 -17.85 -22.08 1.17
N ILE A 29 -18.51 -21.93 2.32
CA ILE A 29 -19.57 -22.87 2.78
C ILE A 29 -20.83 -22.07 3.03
N PHE A 30 -21.95 -22.50 2.46
CA PHE A 30 -23.24 -21.81 2.55
C PHE A 30 -24.32 -22.75 3.08
N VAL A 31 -25.29 -22.19 3.79
CA VAL A 31 -26.54 -22.85 4.27
C VAL A 31 -27.45 -23.12 3.07
N GLN A 32 -27.67 -24.38 2.76
CA GLN A 32 -28.56 -24.86 1.69
C GLN A 32 -29.96 -25.15 2.24
N LEU A 33 -30.08 -25.54 3.52
CA LEU A 33 -31.38 -25.90 4.18
C LEU A 33 -31.30 -25.61 5.68
N VAL A 34 -32.35 -24.98 6.22
CA VAL A 34 -32.60 -24.85 7.69
C VAL A 34 -33.93 -25.54 8.02
N GLN A 35 -33.90 -26.56 8.86
CA GLN A 35 -35.11 -27.36 9.23
C GLN A 35 -35.97 -26.49 10.15
N ALA A 36 -37.27 -26.47 9.89
CA ALA A 36 -38.24 -25.69 10.69
C ALA A 36 -38.09 -26.09 12.15
N ASN A 37 -38.03 -25.10 13.06
CA ASN A 37 -38.07 -25.28 14.54
C ASN A 37 -36.83 -26.02 15.05
N SER A 38 -35.74 -25.99 14.29
CA SER A 38 -34.44 -26.63 14.60
C SER A 38 -33.60 -25.66 15.43
N PRO A 39 -32.54 -26.13 16.12
CA PRO A 39 -31.59 -25.21 16.76
C PRO A 39 -31.06 -24.15 15.79
N ALA A 40 -30.75 -24.55 14.55
CA ALA A 40 -30.34 -23.62 13.45
C ALA A 40 -31.41 -22.54 13.29
N SER A 41 -32.67 -22.94 13.13
CA SER A 41 -33.81 -22.01 12.93
C SER A 41 -33.88 -21.00 14.09
N LEU A 42 -33.67 -21.47 15.32
CA LEU A 42 -33.91 -20.66 16.55
C LEU A 42 -32.80 -19.61 16.75
N VAL A 43 -31.61 -19.79 16.18
CA VAL A 43 -30.51 -18.77 16.26
C VAL A 43 -30.50 -17.88 15.00
N GLY A 44 -31.51 -17.97 14.13
CA GLY A 44 -31.72 -17.04 13.00
C GLY A 44 -31.04 -17.46 11.70
N LEU A 45 -30.55 -18.69 11.59
CA LEU A 45 -29.86 -19.16 10.35
C LEU A 45 -30.88 -19.23 9.21
N ARG A 46 -30.45 -18.87 7.99
CA ARG A 46 -31.33 -18.84 6.80
C ARG A 46 -30.58 -19.41 5.60
N PHE A 47 -31.34 -19.97 4.65
CA PHE A 47 -30.87 -20.28 3.28
C PHE A 47 -29.96 -19.15 2.81
N GLY A 48 -28.72 -19.46 2.39
CA GLY A 48 -27.81 -18.49 1.76
C GLY A 48 -26.82 -17.89 2.74
N ASP A 49 -27.01 -18.05 4.05
CA ASP A 49 -25.99 -17.68 5.07
C ASP A 49 -24.64 -18.33 4.70
N GLN A 50 -23.57 -17.56 4.87
CA GLN A 50 -22.18 -18.06 4.65
C GLN A 50 -21.61 -18.45 6.01
N VAL A 51 -21.04 -19.66 6.07
CA VAL A 51 -20.37 -20.20 7.29
C VAL A 51 -18.85 -19.96 7.15
N LEU A 52 -18.29 -19.07 7.98
CA LEU A 52 -16.83 -18.70 7.95
C LEU A 52 -16.04 -19.68 8.80
N GLN A 53 -16.55 -19.99 9.99
CA GLN A 53 -15.89 -20.88 10.99
C GLN A 53 -16.93 -21.85 11.57
N ILE A 54 -16.52 -23.09 11.81
CA ILE A 54 -17.25 -24.04 12.69
C ILE A 54 -16.29 -24.40 13.84
N ASN A 55 -16.71 -24.14 15.08
CA ASN A 55 -15.91 -24.35 16.32
C ASN A 55 -14.53 -23.72 16.13
N GLY A 56 -14.48 -22.49 15.60
CA GLY A 56 -13.26 -21.66 15.46
C GLY A 56 -12.31 -22.13 14.38
N GLU A 57 -12.67 -23.14 13.57
CA GLU A 57 -11.86 -23.56 12.39
C GLU A 57 -12.48 -22.95 11.12
N ASN A 58 -11.63 -22.41 10.26
CA ASN A 58 -12.01 -21.80 8.97
C ASN A 58 -12.61 -22.88 8.07
N CYS A 59 -13.75 -22.58 7.44
CA CYS A 59 -14.43 -23.48 6.47
C CYS A 59 -13.84 -23.36 5.07
N ALA A 60 -12.99 -22.36 4.82
CA ALA A 60 -12.44 -22.04 3.47
C ALA A 60 -11.94 -23.32 2.81
N GLY A 61 -12.43 -23.62 1.61
CA GLY A 61 -11.96 -24.76 0.80
C GLY A 61 -12.50 -26.10 1.26
N TRP A 62 -13.33 -26.16 2.31
CA TRP A 62 -13.97 -27.43 2.73
C TRP A 62 -15.00 -27.88 1.70
N SER A 63 -15.05 -29.18 1.42
CA SER A 63 -16.18 -29.82 0.71
C SER A 63 -17.42 -29.75 1.59
N SER A 64 -18.61 -29.82 1.01
CA SER A 64 -19.90 -30.03 1.74
C SER A 64 -19.76 -31.22 2.72
N ASP A 65 -19.21 -32.35 2.26
CA ASP A 65 -19.01 -33.58 3.08
C ASP A 65 -18.17 -33.25 4.32
N LYS A 66 -17.06 -32.54 4.14
CA LYS A 66 -16.16 -32.20 5.26
C LYS A 66 -16.93 -31.37 6.30
N ALA A 67 -17.63 -30.33 5.87
CA ALA A 67 -18.41 -29.46 6.77
C ALA A 67 -19.38 -30.34 7.58
N HIS A 68 -20.08 -31.26 6.90
CA HIS A 68 -21.07 -32.18 7.52
C HIS A 68 -20.39 -33.17 8.46
N LYS A 69 -19.25 -33.74 8.08
CA LYS A 69 -18.45 -34.64 8.96
C LYS A 69 -18.06 -33.86 10.21
N VAL A 70 -17.55 -32.63 10.07
CA VAL A 70 -17.06 -31.84 11.23
C VAL A 70 -18.23 -31.61 12.18
N LEU A 71 -19.42 -31.28 11.67
CA LEU A 71 -20.64 -31.03 12.50
C LEU A 71 -21.03 -32.33 13.22
N LYS A 72 -21.04 -33.46 12.49
CA LYS A 72 -21.45 -34.79 13.02
C LYS A 72 -20.48 -35.25 14.13
N GLN A 73 -19.18 -35.01 13.97
CA GLN A 73 -18.11 -35.46 14.91
C GLN A 73 -17.99 -34.50 16.09
N ALA A 74 -18.54 -33.28 16.02
CA ALA A 74 -18.41 -32.26 17.08
C ALA A 74 -18.79 -32.86 18.45
N PHE A 75 -17.84 -32.94 19.39
CA PHE A 75 -18.12 -33.40 20.77
C PHE A 75 -19.01 -32.34 21.44
N GLY A 76 -20.10 -32.74 22.10
CA GLY A 76 -20.77 -31.94 23.14
C GLY A 76 -22.11 -31.37 22.72
N GLU A 77 -22.74 -30.60 23.60
CA GLU A 77 -24.11 -30.04 23.42
C GLU A 77 -24.06 -28.81 22.49
N LYS A 78 -22.89 -28.16 22.42
CA LYS A 78 -22.68 -26.77 21.96
C LYS A 78 -21.85 -26.79 20.67
N ILE A 79 -22.38 -26.19 19.59
CA ILE A 79 -21.63 -25.91 18.34
C ILE A 79 -21.59 -24.39 18.12
N THR A 80 -20.39 -23.84 17.96
CA THR A 80 -20.19 -22.41 17.57
C THR A 80 -19.98 -22.32 16.06
N MET A 81 -20.59 -21.31 15.45
CA MET A 81 -20.33 -20.98 14.03
C MET A 81 -20.07 -19.48 13.92
N THR A 82 -19.21 -19.07 12.99
CA THR A 82 -19.17 -17.66 12.50
C THR A 82 -19.96 -17.60 11.19
N ILE A 83 -20.92 -16.67 11.14
CA ILE A 83 -21.92 -16.55 10.05
C ILE A 83 -21.82 -15.16 9.41
N ARG A 84 -21.84 -15.11 8.09
CA ARG A 84 -22.18 -13.88 7.34
C ARG A 84 -23.62 -14.03 6.84
N ASP A 85 -24.48 -13.05 7.16
CA ASP A 85 -25.90 -13.01 6.74
C ASP A 85 -26.04 -12.97 5.22
N ARG A 86 -26.70 -13.98 4.64
CA ARG A 86 -27.12 -14.07 3.21
C ARG A 86 -26.39 -13.02 2.36
N PRO A 87 -25.07 -13.18 2.08
CA PRO A 87 -24.35 -12.19 1.28
C PRO A 87 -24.74 -12.10 -0.21
N PHE A 88 -25.35 -13.13 -0.79
CA PHE A 88 -25.85 -13.14 -2.20
C PHE A 88 -27.30 -12.67 -2.32
N GLU A 89 -27.93 -12.27 -1.22
CA GLU A 89 -29.38 -11.93 -1.14
C GLU A 89 -29.69 -10.72 -2.01
N ARG A 90 -30.67 -10.82 -2.92
CA ARG A 90 -31.19 -9.65 -3.69
C ARG A 90 -32.71 -9.66 -3.62
N THR A 91 -33.29 -8.50 -3.34
CA THR A 91 -34.76 -8.30 -3.27
C THR A 91 -35.19 -7.54 -4.52
N ILE A 92 -36.25 -7.98 -5.18
CA ILE A 92 -36.86 -7.29 -6.33
C ILE A 92 -38.37 -7.18 -6.05
N THR A 93 -38.91 -6.00 -6.27
CA THR A 93 -40.35 -5.69 -6.10
C THR A 93 -41.00 -5.63 -7.48
N MET A 94 -42.09 -6.36 -7.62
CA MET A 94 -42.90 -6.40 -8.84
C MET A 94 -44.35 -6.10 -8.47
N HIS A 95 -45.15 -5.76 -9.48
CA HIS A 95 -46.59 -5.45 -9.34
C HIS A 95 -47.36 -6.37 -10.28
N LYS A 96 -48.39 -7.04 -9.76
CA LYS A 96 -49.26 -7.94 -10.55
C LYS A 96 -49.98 -7.12 -11.62
N ASP A 97 -50.10 -7.68 -12.82
CA ASP A 97 -50.87 -7.10 -13.94
C ASP A 97 -52.35 -7.42 -13.72
N SER A 98 -53.20 -7.01 -14.66
CA SER A 98 -54.69 -7.20 -14.59
C SER A 98 -55.07 -8.68 -14.48
N THR A 99 -54.19 -9.61 -14.90
CA THR A 99 -54.45 -11.08 -14.83
C THR A 99 -53.88 -11.67 -13.53
N GLY A 100 -53.29 -10.86 -12.64
CA GLY A 100 -52.69 -11.31 -11.37
C GLY A 100 -51.30 -11.92 -11.53
N HIS A 101 -50.63 -11.70 -12.66
CA HIS A 101 -49.26 -12.23 -12.94
C HIS A 101 -48.19 -11.14 -12.78
N VAL A 102 -47.01 -11.52 -12.29
CA VAL A 102 -45.79 -10.65 -12.28
C VAL A 102 -44.90 -10.95 -13.50
N GLY A 103 -44.95 -12.17 -14.05
CA GLY A 103 -44.35 -12.52 -15.36
C GLY A 103 -43.07 -13.36 -15.28
N PHE A 104 -43.06 -14.47 -14.54
CA PHE A 104 -41.95 -15.44 -14.60
C PHE A 104 -42.44 -16.87 -14.44
N ILE A 105 -41.64 -17.78 -15.00
CA ILE A 105 -41.74 -19.26 -14.90
C ILE A 105 -40.64 -19.71 -13.95
N PHE A 106 -40.91 -20.73 -13.16
CA PHE A 106 -39.89 -21.36 -12.29
C PHE A 106 -40.11 -22.86 -12.25
N LYS A 107 -39.08 -23.58 -11.85
CA LYS A 107 -39.07 -25.06 -11.67
C LYS A 107 -38.09 -25.38 -10.56
N ASN A 108 -38.52 -26.18 -9.60
CA ASN A 108 -37.75 -26.57 -8.39
C ASN A 108 -37.28 -25.31 -7.67
N GLY A 109 -38.16 -24.32 -7.53
CA GLY A 109 -37.91 -23.08 -6.77
C GLY A 109 -36.91 -22.18 -7.51
N LYS A 110 -36.56 -22.52 -8.75
CA LYS A 110 -35.54 -21.77 -9.52
C LYS A 110 -36.24 -21.08 -10.69
N ILE A 111 -36.06 -19.76 -10.82
CA ILE A 111 -36.65 -18.96 -11.93
C ILE A 111 -35.99 -19.42 -13.24
N THR A 112 -36.78 -19.77 -14.26
CA THR A 112 -36.26 -20.37 -15.52
C THR A 112 -36.54 -19.46 -16.72
N SER A 113 -37.56 -18.60 -16.71
CA SER A 113 -37.77 -17.61 -17.81
C SER A 113 -38.57 -16.40 -17.33
N ILE A 114 -38.39 -15.29 -18.05
CA ILE A 114 -39.02 -13.97 -17.77
C ILE A 114 -39.97 -13.72 -18.92
N VAL A 115 -41.23 -13.43 -18.62
CA VAL A 115 -42.28 -13.15 -19.64
C VAL A 115 -42.06 -11.73 -20.15
N LYS A 116 -42.08 -11.58 -21.48
CA LYS A 116 -41.96 -10.28 -22.19
C LYS A 116 -43.04 -9.32 -21.67
N ASP A 117 -42.67 -8.04 -21.46
N ASP A 117 -42.66 -8.05 -21.45
CA ASP A 117 -43.57 -6.90 -21.18
CA ASP A 117 -43.57 -6.90 -21.20
C ASP A 117 -44.26 -7.08 -19.82
C ASP A 117 -44.26 -7.07 -19.83
N SER A 118 -43.66 -7.86 -18.93
CA SER A 118 -44.18 -8.13 -17.57
C SER A 118 -43.48 -7.21 -16.55
N SER A 119 -44.01 -7.16 -15.34
CA SER A 119 -43.38 -6.46 -14.19
C SER A 119 -41.99 -7.08 -13.94
N ALA A 120 -41.86 -8.40 -14.09
CA ALA A 120 -40.58 -9.13 -13.92
C ALA A 120 -39.56 -8.59 -14.93
N ALA A 121 -39.97 -8.42 -16.20
CA ALA A 121 -39.14 -7.85 -17.29
C ALA A 121 -38.74 -6.41 -16.96
N ARG A 122 -39.70 -5.55 -16.58
CA ARG A 122 -39.44 -4.12 -16.27
C ARG A 122 -38.46 -4.00 -15.10
N ASN A 123 -38.49 -4.94 -14.14
CA ASN A 123 -37.74 -4.84 -12.86
C ASN A 123 -36.44 -5.65 -12.94
N GLY A 124 -36.15 -6.25 -14.10
CA GLY A 124 -34.86 -6.94 -14.32
C GLY A 124 -34.70 -8.21 -13.50
N LEU A 125 -35.79 -8.95 -13.25
CA LEU A 125 -35.71 -10.27 -12.57
C LEU A 125 -34.81 -11.21 -13.40
N LEU A 126 -34.02 -12.05 -12.74
CA LEU A 126 -33.00 -12.90 -13.41
C LEU A 126 -33.37 -14.37 -13.28
N THR A 127 -33.04 -15.17 -14.30
CA THR A 127 -33.15 -16.65 -14.27
C THR A 127 -31.94 -17.27 -13.55
N GLU A 128 -31.97 -18.58 -13.36
CA GLU A 128 -30.91 -19.34 -12.62
C GLU A 128 -30.73 -18.70 -11.25
N HIS A 129 -31.81 -18.22 -10.65
CA HIS A 129 -31.87 -17.70 -9.26
C HIS A 129 -32.94 -18.49 -8.50
N ASN A 130 -32.62 -18.86 -7.27
CA ASN A 130 -33.53 -19.60 -6.38
C ASN A 130 -34.42 -18.56 -5.69
N ILE A 131 -35.71 -18.87 -5.57
CA ILE A 131 -36.66 -18.01 -4.80
C ILE A 131 -36.49 -18.37 -3.33
N CYS A 132 -36.14 -17.41 -2.48
CA CYS A 132 -35.85 -17.64 -1.04
C CYS A 132 -37.06 -17.22 -0.22
N GLU A 133 -37.60 -16.03 -0.50
CA GLU A 133 -38.78 -15.47 0.20
C GLU A 133 -39.69 -14.77 -0.80
N ILE A 134 -40.99 -14.81 -0.53
CA ILE A 134 -42.04 -14.03 -1.21
C ILE A 134 -42.73 -13.21 -0.11
N ASN A 135 -42.69 -11.88 -0.23
CA ASN A 135 -43.28 -10.95 0.76
C ASN A 135 -42.85 -11.37 2.17
N GLY A 136 -41.56 -11.63 2.37
CA GLY A 136 -40.97 -11.95 3.69
C GLY A 136 -41.20 -13.39 4.13
N GLN A 137 -41.98 -14.17 3.40
CA GLN A 137 -42.30 -15.57 3.77
C GLN A 137 -41.28 -16.51 3.12
N ASN A 138 -40.68 -17.38 3.91
CA ASN A 138 -39.65 -18.34 3.45
C ASN A 138 -40.32 -19.41 2.59
N VAL A 139 -39.78 -19.68 1.40
CA VAL A 139 -40.36 -20.67 0.44
C VAL A 139 -39.33 -21.74 0.11
N ILE A 140 -38.14 -21.69 0.73
CA ILE A 140 -37.12 -22.76 0.57
C ILE A 140 -37.75 -24.06 1.07
N GLY A 141 -37.67 -25.12 0.26
CA GLY A 141 -38.20 -26.45 0.58
C GLY A 141 -39.66 -26.62 0.19
N LEU A 142 -40.38 -25.56 -0.23
CA LEU A 142 -41.79 -25.71 -0.69
C LEU A 142 -41.81 -26.31 -2.09
N LYS A 143 -42.85 -27.07 -2.39
CA LYS A 143 -43.12 -27.62 -3.75
C LYS A 143 -43.49 -26.41 -4.62
N ASP A 144 -43.23 -26.50 -5.92
CA ASP A 144 -43.56 -25.47 -6.93
C ASP A 144 -45.02 -25.05 -6.79
N SER A 145 -45.96 -26.00 -6.57
CA SER A 145 -47.41 -25.67 -6.56
C SER A 145 -47.71 -24.80 -5.32
N GLN A 146 -47.00 -25.03 -4.23
CA GLN A 146 -47.15 -24.24 -2.96
C GLN A 146 -46.61 -22.82 -3.16
N ILE A 147 -45.51 -22.67 -3.92
CA ILE A 147 -44.94 -21.34 -4.27
C ILE A 147 -45.97 -20.59 -5.13
N ALA A 148 -46.53 -21.25 -6.14
CA ALA A 148 -47.62 -20.68 -6.99
C ALA A 148 -48.82 -20.28 -6.09
N ASP A 149 -49.19 -21.11 -5.11
CA ASP A 149 -50.33 -20.77 -4.20
C ASP A 149 -50.05 -19.45 -3.48
N ILE A 150 -48.83 -19.27 -2.96
CA ILE A 150 -48.41 -18.04 -2.22
C ILE A 150 -48.47 -16.86 -3.17
N LEU A 151 -47.94 -16.99 -4.39
CA LEU A 151 -47.95 -15.89 -5.39
C LEU A 151 -49.40 -15.56 -5.74
N SER A 152 -50.26 -16.58 -5.91
CA SER A 152 -51.66 -16.36 -6.34
C SER A 152 -52.45 -15.63 -5.24
N THR A 153 -52.10 -15.83 -3.97
CA THR A 153 -52.81 -15.26 -2.78
C THR A 153 -52.29 -13.85 -2.47
N SER A 154 -51.12 -13.49 -2.97
CA SER A 154 -50.45 -12.20 -2.68
C SER A 154 -51.33 -11.01 -3.12
N GLY A 155 -51.23 -9.89 -2.40
CA GLY A 155 -51.66 -8.58 -2.90
C GLY A 155 -50.91 -8.19 -4.18
N THR A 156 -51.19 -6.99 -4.69
CA THR A 156 -50.65 -6.48 -5.98
C THR A 156 -49.11 -6.42 -5.90
N VAL A 157 -48.56 -5.98 -4.78
CA VAL A 157 -47.09 -5.81 -4.55
C VAL A 157 -46.49 -7.18 -4.18
N VAL A 158 -45.55 -7.66 -5.00
CA VAL A 158 -44.84 -8.96 -4.81
C VAL A 158 -43.34 -8.64 -4.69
N THR A 159 -42.78 -8.76 -3.50
CA THR A 159 -41.34 -8.58 -3.21
C THR A 159 -40.75 -9.98 -3.12
N ILE A 160 -39.82 -10.33 -4.01
CA ILE A 160 -39.16 -11.67 -3.91
C ILE A 160 -37.68 -11.46 -3.57
N THR A 161 -37.18 -12.33 -2.70
CA THR A 161 -35.75 -12.42 -2.36
C THR A 161 -35.20 -13.61 -3.15
N ILE A 162 -34.15 -13.35 -3.94
CA ILE A 162 -33.53 -14.37 -4.83
C ILE A 162 -32.04 -14.45 -4.51
N MET A 163 -31.42 -15.49 -5.05
CA MET A 163 -29.99 -15.77 -4.92
C MET A 163 -29.58 -16.59 -6.13
N PRO A 164 -28.34 -16.38 -6.67
CA PRO A 164 -27.87 -17.23 -7.77
C PRO A 164 -27.93 -18.69 -7.32
N ALA A 165 -28.36 -19.57 -8.22
CA ALA A 165 -28.30 -21.03 -8.05
C ALA A 165 -26.86 -21.48 -8.36
N ASP B 4 28.61 14.35 19.76
CA ASP B 4 29.08 14.34 21.19
C ASP B 4 28.84 12.96 21.81
N PRO B 5 29.90 12.18 22.09
CA PRO B 5 29.71 10.78 22.52
C PRO B 5 28.99 10.63 23.88
N ARG B 6 28.35 9.48 24.07
CA ARG B 6 27.79 9.06 25.39
C ARG B 6 28.21 7.61 25.65
N GLU B 7 28.30 7.25 26.93
CA GLU B 7 28.73 5.90 27.39
C GLU B 7 27.49 5.12 27.82
N VAL B 8 27.45 3.84 27.47
CA VAL B 8 26.34 2.94 27.88
C VAL B 8 26.99 1.68 28.48
N ILE B 9 26.35 1.10 29.50
CA ILE B 9 26.77 -0.14 30.23
C ILE B 9 25.69 -1.19 29.95
N LEU B 10 26.05 -2.30 29.31
CA LEU B 10 25.13 -3.43 29.01
C LEU B 10 25.60 -4.65 29.79
N CYS B 11 24.71 -5.60 30.03
CA CYS B 11 24.98 -6.98 30.48
C CYS B 11 24.43 -7.94 29.42
N LYS B 12 25.14 -9.01 29.04
CA LYS B 12 24.53 -10.10 28.21
C LYS B 12 23.32 -10.65 28.97
N ASP B 13 22.24 -11.02 28.24
CA ASP B 13 20.98 -11.52 28.84
C ASP B 13 21.15 -13.00 29.18
N GLN B 14 20.06 -13.65 29.59
CA GLN B 14 20.01 -15.06 30.05
C GLN B 14 20.51 -15.99 28.92
N ASP B 15 20.36 -15.61 27.66
CA ASP B 15 20.77 -16.46 26.50
C ASP B 15 22.19 -16.12 26.05
N GLY B 16 22.89 -15.20 26.73
CA GLY B 16 24.28 -14.78 26.41
C GLY B 16 24.36 -13.69 25.34
N LYS B 17 23.22 -13.07 24.97
CA LYS B 17 23.14 -12.11 23.81
C LYS B 17 22.98 -10.68 24.33
N ILE B 18 23.43 -9.68 23.58
CA ILE B 18 23.26 -8.23 23.91
C ILE B 18 22.12 -7.62 23.06
N GLY B 19 21.84 -8.28 21.93
CA GLY B 19 20.73 -7.98 20.99
C GLY B 19 21.13 -6.93 19.99
N LEU B 20 22.33 -7.07 19.43
CA LEU B 20 22.99 -6.06 18.57
C LEU B 20 23.50 -6.78 17.32
N ARG B 21 23.22 -6.22 16.14
CA ARG B 21 24.04 -6.49 14.93
C ARG B 21 24.73 -5.19 14.53
N LEU B 22 26.05 -5.27 14.32
CA LEU B 22 26.92 -4.13 13.93
C LEU B 22 27.32 -4.29 12.47
N LYS B 23 27.62 -3.16 11.82
CA LYS B 23 28.09 -3.12 10.41
C LYS B 23 29.26 -2.13 10.31
N SER B 24 30.34 -2.55 9.68
CA SER B 24 31.49 -1.70 9.32
C SER B 24 31.10 -0.88 8.08
N ILE B 25 31.13 0.44 8.20
CA ILE B 25 30.89 1.40 7.08
C ILE B 25 31.94 2.49 7.18
N ASP B 26 32.69 2.72 6.09
CA ASP B 26 33.65 3.84 5.98
C ASP B 26 34.64 3.80 7.15
N ASN B 27 35.08 2.62 7.57
CA ASN B 27 36.05 2.38 8.67
C ASN B 27 35.47 2.87 10.01
N GLY B 28 34.15 2.96 10.13
CA GLY B 28 33.48 3.11 11.43
C GLY B 28 32.61 1.89 11.69
N ILE B 29 31.98 1.85 12.86
CA ILE B 29 31.08 0.75 13.25
C ILE B 29 29.73 1.36 13.59
N PHE B 30 28.68 0.85 12.96
CA PHE B 30 27.30 1.37 13.14
C PHE B 30 26.38 0.23 13.56
N VAL B 31 25.38 0.59 14.36
CA VAL B 31 24.28 -0.31 14.79
C VAL B 31 23.34 -0.53 13.59
N GLN B 32 23.27 -1.76 13.10
CA GLN B 32 22.36 -2.15 11.99
C GLN B 32 21.04 -2.68 12.56
N LEU B 33 21.06 -3.35 13.73
CA LEU B 33 19.87 -4.03 14.30
C LEU B 33 19.92 -3.98 15.83
N VAL B 34 18.79 -3.65 16.46
CA VAL B 34 18.61 -3.70 17.94
C VAL B 34 17.40 -4.58 18.24
N GLN B 35 17.59 -5.70 18.94
CA GLN B 35 16.51 -6.66 19.21
C GLN B 35 15.59 -6.07 20.27
N ALA B 36 14.28 -6.15 20.06
CA ALA B 36 13.26 -5.69 21.04
C ALA B 36 13.56 -6.36 22.38
N ASN B 37 13.48 -5.58 23.47
CA ASN B 37 13.53 -6.08 24.87
C ASN B 37 14.94 -6.58 25.22
N SER B 38 15.95 -6.21 24.43
CA SER B 38 17.36 -6.68 24.61
C SER B 38 18.07 -5.72 25.54
N PRO B 39 19.20 -6.13 26.16
CA PRO B 39 20.07 -5.20 26.88
C PRO B 39 20.39 -3.94 26.04
N ALA B 40 20.71 -4.12 24.76
CA ALA B 40 20.95 -3.01 23.79
C ALA B 40 19.74 -2.07 23.78
N SER B 41 18.54 -2.60 23.60
CA SER B 41 17.27 -1.82 23.54
C SER B 41 17.12 -0.99 24.82
N LEU B 42 17.43 -1.58 25.98
CA LEU B 42 17.13 -0.98 27.30
C LEU B 42 18.08 0.17 27.62
N VAL B 43 19.27 0.24 27.01
CA VAL B 43 20.24 1.36 27.23
C VAL B 43 20.10 2.40 26.10
N GLY B 44 19.10 2.28 25.23
CA GLY B 44 18.76 3.29 24.22
C GLY B 44 19.57 3.20 22.91
N LEU B 45 20.21 2.06 22.62
CA LEU B 45 20.92 1.86 21.33
C LEU B 45 19.87 1.84 20.21
N ARG B 46 20.18 2.42 19.06
CA ARG B 46 19.22 2.56 17.94
C ARG B 46 19.95 2.30 16.62
N PHE B 47 19.21 1.77 15.64
CA PHE B 47 19.58 1.78 14.21
C PHE B 47 20.31 3.10 13.88
N GLY B 48 21.54 3.00 13.35
CA GLY B 48 22.30 4.18 12.84
C GLY B 48 23.25 4.79 13.86
N ASP B 49 23.16 4.41 15.13
CA ASP B 49 24.16 4.82 16.16
C ASP B 49 25.55 4.42 15.66
N GLN B 50 26.53 5.30 15.93
CA GLN B 50 27.94 5.01 15.67
C GLN B 50 28.59 4.52 16.96
N VAL B 51 29.31 3.40 16.88
CA VAL B 51 30.07 2.84 18.04
C VAL B 51 31.53 3.29 17.91
N LEU B 52 31.99 4.16 18.82
CA LEU B 52 33.38 4.73 18.82
C LEU B 52 34.32 3.78 19.57
N GLN B 53 33.86 3.26 20.72
CA GLN B 53 34.66 2.35 21.60
C GLN B 53 33.77 1.20 22.08
N ILE B 54 34.38 0.01 22.19
CA ILE B 54 33.83 -1.14 22.94
C ILE B 54 34.84 -1.47 24.05
N ASN B 55 34.40 -1.43 25.31
CA ASN B 55 35.25 -1.65 26.52
C ASN B 55 36.50 -0.76 26.42
N GLY B 56 36.35 0.50 26.02
CA GLY B 56 37.43 1.52 25.97
C GLY B 56 38.43 1.29 24.84
N GLU B 57 38.19 0.35 23.92
CA GLU B 57 39.03 0.17 22.70
C GLU B 57 38.32 0.80 21.49
N ASN B 58 39.06 1.56 20.70
CA ASN B 58 38.58 2.22 19.46
C ASN B 58 38.12 1.19 18.43
N CYS B 59 36.93 1.38 17.87
CA CYS B 59 36.35 0.51 16.81
C CYS B 59 36.87 0.86 15.42
N ALA B 60 37.55 1.99 15.25
CA ALA B 60 38.02 2.51 13.96
C ALA B 60 38.71 1.40 13.17
N GLY B 61 38.25 1.12 11.95
CA GLY B 61 38.88 0.15 11.03
C GLY B 61 38.53 -1.28 11.35
N TRP B 62 37.73 -1.56 12.38
CA TRP B 62 37.25 -2.93 12.67
C TRP B 62 36.29 -3.40 11.59
N SER B 63 36.43 -4.65 11.13
CA SER B 63 35.41 -5.36 10.34
C SER B 63 34.19 -5.58 11.24
N SER B 64 33.00 -5.78 10.66
CA SER B 64 31.79 -6.25 11.38
C SER B 64 32.12 -7.50 12.20
N ASP B 65 32.81 -8.49 11.59
CA ASP B 65 33.22 -9.76 12.25
C ASP B 65 34.05 -9.46 13.50
N LYS B 66 35.02 -8.56 13.42
CA LYS B 66 35.90 -8.25 14.55
C LYS B 66 35.04 -7.68 15.69
N ALA B 67 34.17 -6.70 15.41
CA ALA B 67 33.30 -6.08 16.42
C ALA B 67 32.49 -7.20 17.11
N HIS B 68 31.93 -8.11 16.32
CA HIS B 68 31.09 -9.24 16.81
C HIS B 68 31.94 -10.23 17.61
N LYS B 69 33.14 -10.57 17.14
CA LYS B 69 34.07 -11.45 17.90
C LYS B 69 34.41 -10.79 19.24
N VAL B 70 34.74 -9.49 19.24
CA VAL B 70 35.12 -8.78 20.50
C VAL B 70 33.95 -8.88 21.49
N LEU B 71 32.72 -8.68 21.04
CA LEU B 71 31.52 -8.73 21.91
C LEU B 71 31.29 -10.16 22.41
N LYS B 72 31.46 -11.16 21.55
CA LYS B 72 31.28 -12.61 21.86
C LYS B 72 32.33 -13.06 22.90
N GLN B 73 33.57 -12.58 22.81
CA GLN B 73 34.66 -12.97 23.74
C GLN B 73 34.58 -12.16 25.06
N ALA B 74 33.87 -11.04 25.09
CA ALA B 74 33.84 -10.12 26.24
C ALA B 74 33.20 -10.84 27.42
N PHE B 75 33.67 -10.55 28.64
CA PHE B 75 32.97 -10.81 29.92
C PHE B 75 31.54 -10.21 29.88
N GLY B 76 30.56 -11.03 30.22
CA GLY B 76 29.14 -10.79 29.92
C GLY B 76 28.53 -9.77 30.85
N GLU B 77 29.04 -9.63 32.08
CA GLU B 77 28.28 -8.98 33.19
C GLU B 77 28.36 -7.46 33.08
N LYS B 78 29.40 -6.95 32.43
CA LYS B 78 29.57 -5.50 32.15
C LYS B 78 30.31 -5.30 30.82
N ILE B 79 29.61 -4.76 29.83
CA ILE B 79 30.18 -4.29 28.53
C ILE B 79 29.87 -2.81 28.42
N THR B 80 30.91 -1.98 28.25
CA THR B 80 30.82 -0.53 28.02
C THR B 80 30.94 -0.28 26.51
N MET B 81 30.15 0.67 26.02
CA MET B 81 30.29 1.18 24.63
C MET B 81 30.25 2.70 24.68
N THR B 82 31.10 3.34 23.88
CA THR B 82 31.01 4.80 23.61
C THR B 82 30.31 5.00 22.27
N ILE B 83 29.24 5.80 22.28
CA ILE B 83 28.20 5.88 21.23
C ILE B 83 28.09 7.33 20.75
N ARG B 84 27.97 7.51 19.46
CA ARG B 84 27.47 8.78 18.87
C ARG B 84 26.03 8.49 18.41
N ASP B 85 25.06 9.26 18.93
CA ASP B 85 23.61 9.13 18.63
C ASP B 85 23.38 9.42 17.14
N ARG B 86 22.82 8.45 16.40
CA ARG B 86 22.36 8.60 14.99
C ARG B 86 22.95 9.86 14.33
N PRO B 87 24.27 9.90 14.03
CA PRO B 87 24.89 11.12 13.50
C PRO B 87 24.49 11.52 12.06
N PHE B 88 24.00 10.58 11.24
CA PHE B 88 23.55 10.79 9.85
C PHE B 88 22.04 11.08 9.78
N GLU B 89 21.38 11.22 10.93
CA GLU B 89 19.92 11.50 11.04
C GLU B 89 19.60 12.87 10.44
N ARG B 90 18.63 12.95 9.53
CA ARG B 90 18.07 14.21 8.99
C ARG B 90 16.55 14.21 9.09
N THR B 91 15.96 15.35 9.43
CA THR B 91 14.50 15.56 9.58
C THR B 91 13.99 16.38 8.39
N ILE B 92 12.88 15.99 7.80
CA ILE B 92 12.23 16.72 6.68
C ILE B 92 10.73 16.81 6.99
N THR B 93 10.14 17.99 6.81
CA THR B 93 8.71 18.24 7.03
C THR B 93 8.01 18.34 5.68
N MET B 94 6.93 17.58 5.54
CA MET B 94 6.07 17.61 4.35
C MET B 94 4.62 17.89 4.76
N HIS B 95 3.80 18.26 3.79
CA HIS B 95 2.34 18.49 3.98
C HIS B 95 1.57 17.57 3.03
N LYS B 96 0.56 16.88 3.58
CA LYS B 96 -0.33 15.99 2.79
C LYS B 96 -1.11 16.85 1.79
N ASP B 97 -1.25 16.35 0.56
CA ASP B 97 -2.03 17.00 -0.53
C ASP B 97 -3.51 16.64 -0.33
N SER B 98 -4.37 17.04 -1.29
CA SER B 98 -5.84 16.79 -1.26
C SER B 98 -6.15 15.28 -1.24
N THR B 99 -5.23 14.42 -1.69
CA THR B 99 -5.42 12.94 -1.68
C THR B 99 -4.87 12.32 -0.37
N GLY B 100 -4.33 13.12 0.56
CA GLY B 100 -3.76 12.65 1.83
C GLY B 100 -2.36 12.08 1.69
N HIS B 101 -1.67 12.35 0.59
CA HIS B 101 -0.29 11.83 0.33
C HIS B 101 0.74 12.94 0.51
N VAL B 102 1.93 12.59 1.01
CA VAL B 102 3.14 13.46 0.98
C VAL B 102 4.00 13.20 -0.27
N GLY B 103 3.93 12.00 -0.83
CA GLY B 103 4.42 11.70 -2.19
C GLY B 103 5.67 10.84 -2.23
N PHE B 104 5.72 9.71 -1.52
CA PHE B 104 6.83 8.72 -1.69
C PHE B 104 6.30 7.30 -1.55
N ILE B 105 7.05 6.40 -2.19
CA ILE B 105 6.93 4.93 -2.09
C ILE B 105 8.09 4.45 -1.22
N PHE B 106 7.85 3.40 -0.44
CA PHE B 106 8.90 2.76 0.37
C PHE B 106 8.68 1.25 0.38
N LYS B 107 9.74 0.53 0.70
CA LYS B 107 9.78 -0.94 0.86
C LYS B 107 10.80 -1.26 1.93
N ASN B 108 10.42 -2.11 2.90
CA ASN B 108 11.25 -2.49 4.06
C ASN B 108 11.71 -1.22 4.79
N GLY B 109 10.83 -0.25 4.95
CA GLY B 109 11.12 1.00 5.67
C GLY B 109 12.11 1.89 4.92
N LYS B 110 12.41 1.56 3.67
CA LYS B 110 13.39 2.33 2.85
C LYS B 110 12.63 3.03 1.72
N ILE B 111 12.79 4.35 1.61
CA ILE B 111 12.16 5.18 0.54
C ILE B 111 12.76 4.75 -0.80
N THR B 112 11.92 4.40 -1.78
CA THR B 112 12.37 3.83 -3.08
C THR B 112 12.03 4.77 -4.25
N SER B 113 11.01 5.62 -4.15
CA SER B 113 10.71 6.61 -5.22
C SER B 113 9.95 7.81 -4.66
N ILE B 114 10.06 8.92 -5.39
CA ILE B 114 9.45 10.24 -5.06
C ILE B 114 8.38 10.48 -6.11
N VAL B 115 7.17 10.80 -5.69
CA VAL B 115 6.03 11.08 -6.61
C VAL B 115 6.19 12.53 -7.11
N LYS B 116 6.07 12.70 -8.41
CA LYS B 116 6.16 14.02 -9.09
C LYS B 116 5.09 14.97 -8.54
N ASP B 117 5.48 16.23 -8.33
CA ASP B 117 4.59 17.37 -7.96
C ASP B 117 4.01 17.16 -6.56
N SER B 118 4.69 16.38 -5.72
CA SER B 118 4.31 16.12 -4.32
C SER B 118 5.11 17.05 -3.38
N SER B 119 4.71 17.09 -2.13
CA SER B 119 5.46 17.72 -1.01
C SER B 119 6.85 17.09 -0.93
N ALA B 120 6.95 15.77 -1.12
CA ALA B 120 8.24 15.03 -1.07
C ALA B 120 9.16 15.57 -2.16
N ALA B 121 8.63 15.76 -3.37
CA ALA B 121 9.36 16.33 -4.54
C ALA B 121 9.80 17.76 -4.24
N ARG B 122 8.90 18.63 -3.77
CA ARG B 122 9.22 20.05 -3.49
C ARG B 122 10.32 20.15 -2.42
N ASN B 123 10.34 19.20 -1.46
CA ASN B 123 11.21 19.33 -0.26
C ASN B 123 12.51 18.54 -0.48
N GLY B 124 12.68 17.90 -1.64
CA GLY B 124 13.90 17.15 -1.97
C GLY B 124 14.12 15.95 -1.06
N LEU B 125 13.05 15.22 -0.70
CA LEU B 125 13.17 13.90 -0.03
C LEU B 125 14.00 12.98 -0.95
N LEU B 126 14.84 12.13 -0.35
CA LEU B 126 15.79 11.27 -1.09
C LEU B 126 15.42 9.80 -0.94
N THR B 127 15.70 8.99 -1.97
CA THR B 127 15.56 7.51 -1.93
C THR B 127 16.80 6.88 -1.27
N GLU B 128 16.79 5.55 -1.11
CA GLU B 128 17.89 4.81 -0.42
C GLU B 128 18.11 5.40 0.96
N HIS B 129 17.05 5.86 1.61
CA HIS B 129 17.06 6.35 3.01
C HIS B 129 16.02 5.54 3.80
N ASN B 130 16.40 5.11 4.99
CA ASN B 130 15.51 4.39 5.93
C ASN B 130 14.69 5.43 6.68
N ILE B 131 13.41 5.16 6.87
CA ILE B 131 12.51 5.98 7.71
C ILE B 131 12.76 5.57 9.16
N CYS B 132 13.14 6.51 10.03
CA CYS B 132 13.48 6.24 11.44
C CYS B 132 12.31 6.62 12.35
N GLU B 133 11.75 7.82 12.13
CA GLU B 133 10.60 8.33 12.92
C GLU B 133 9.65 9.06 11.99
N ILE B 134 8.37 9.03 12.34
CA ILE B 134 7.29 9.83 11.72
C ILE B 134 6.63 10.59 12.87
N ASN B 135 6.64 11.92 12.82
CA ASN B 135 6.04 12.81 13.84
C ASN B 135 6.48 12.35 15.24
N GLY B 136 7.77 12.08 15.45
CA GLY B 136 8.34 11.71 16.76
C GLY B 136 8.11 10.26 17.13
N GLN B 137 7.38 9.49 16.32
CA GLN B 137 7.13 8.05 16.61
C GLN B 137 8.21 7.21 15.92
N ASN B 138 8.88 6.34 16.67
CA ASN B 138 9.92 5.44 16.12
C ASN B 138 9.24 4.36 15.29
N VAL B 139 9.70 4.10 14.07
CA VAL B 139 9.08 3.12 13.15
C VAL B 139 10.10 2.05 12.74
N ILE B 140 11.32 2.10 13.29
CA ILE B 140 12.34 1.05 13.03
C ILE B 140 11.75 -0.26 13.56
N GLY B 141 11.75 -1.30 12.75
CA GLY B 141 11.22 -2.63 13.12
C GLY B 141 9.75 -2.79 12.79
N LEU B 142 9.01 -1.74 12.43
CA LEU B 142 7.59 -1.87 12.01
C LEU B 142 7.53 -2.45 10.60
N LYS B 143 6.46 -3.20 10.32
CA LYS B 143 6.16 -3.72 8.97
C LYS B 143 5.74 -2.52 8.12
N ASP B 144 5.92 -2.60 6.81
CA ASP B 144 5.53 -1.53 5.85
C ASP B 144 4.07 -1.10 6.08
N SER B 145 3.15 -2.03 6.33
CA SER B 145 1.70 -1.71 6.45
C SER B 145 1.50 -0.88 7.72
N GLN B 146 2.27 -1.11 8.77
CA GLN B 146 2.20 -0.34 10.05
C GLN B 146 2.73 1.08 9.83
N ILE B 147 3.77 1.24 9.01
CA ILE B 147 4.30 2.58 8.63
C ILE B 147 3.22 3.32 7.84
N ALA B 148 2.59 2.68 6.87
CA ALA B 148 1.44 3.23 6.11
C ALA B 148 0.30 3.61 7.08
N ASP B 149 0.01 2.79 8.09
CA ASP B 149 -1.07 3.08 9.07
C ASP B 149 -0.77 4.40 9.78
N ILE B 150 0.49 4.61 10.18
CA ILE B 150 0.92 5.83 10.92
C ILE B 150 0.78 7.02 9.98
N LEU B 151 1.23 6.89 8.73
CA LEU B 151 1.14 8.00 7.74
C LEU B 151 -0.33 8.30 7.45
N SER B 152 -1.18 7.26 7.35
CA SER B 152 -2.60 7.46 6.98
C SER B 152 -3.34 8.18 8.11
N THR B 153 -2.94 7.97 9.37
CA THR B 153 -3.65 8.54 10.55
C THR B 153 -3.04 9.89 10.93
N SER B 154 -1.95 10.29 10.30
CA SER B 154 -1.28 11.59 10.59
C SER B 154 -2.21 12.75 10.22
N GLY B 155 -2.11 13.86 10.96
CA GLY B 155 -2.56 15.18 10.46
C GLY B 155 -1.82 15.58 9.18
N THR B 156 -2.10 16.80 8.72
CA THR B 156 -1.60 17.35 7.44
C THR B 156 -0.07 17.39 7.48
N VAL B 157 0.52 17.80 8.60
CA VAL B 157 1.99 18.00 8.78
C VAL B 157 2.61 16.64 9.07
N VAL B 158 3.54 16.19 8.22
CA VAL B 158 4.29 14.92 8.39
C VAL B 158 5.78 15.27 8.46
N THR B 159 6.39 15.13 9.63
CA THR B 159 7.85 15.29 9.86
C THR B 159 8.46 13.89 9.89
N ILE B 160 9.36 13.57 8.97
CA ILE B 160 10.04 12.24 9.00
C ILE B 160 11.53 12.45 9.29
N THR B 161 12.11 11.55 10.09
CA THR B 161 13.55 11.43 10.32
C THR B 161 14.05 10.29 9.45
N ILE B 162 15.05 10.56 8.62
CA ILE B 162 15.62 9.58 7.65
C ILE B 162 17.13 9.45 7.87
N MET B 163 17.71 8.43 7.24
CA MET B 163 19.15 8.10 7.31
C MET B 163 19.50 7.33 6.06
N PRO B 164 20.69 7.53 5.43
CA PRO B 164 21.09 6.70 4.30
C PRO B 164 21.06 5.21 4.73
N ALA B 165 20.55 4.34 3.86
CA ALA B 165 20.35 2.89 4.12
C ALA B 165 21.69 2.13 4.18
N MET C 3 -30.03 -1.58 -6.52
CA MET C 3 -31.34 -2.22 -6.94
C MET C 3 -32.33 -1.17 -7.47
N ASP C 4 -32.38 0.03 -6.88
CA ASP C 4 -33.17 1.21 -7.35
C ASP C 4 -32.63 1.70 -8.68
N PRO C 5 -33.39 1.62 -9.80
CA PRO C 5 -32.89 2.06 -11.10
C PRO C 5 -32.57 3.56 -11.18
N ARG C 6 -31.65 3.91 -12.09
CA ARG C 6 -31.37 5.32 -12.47
C ARG C 6 -31.30 5.40 -14.00
N GLU C 7 -31.52 6.59 -14.57
CA GLU C 7 -31.51 6.84 -16.02
C GLU C 7 -30.21 7.53 -16.39
N VAL C 8 -29.62 7.15 -17.52
CA VAL C 8 -28.41 7.83 -18.08
C VAL C 8 -28.74 8.18 -19.54
N ILE C 9 -28.25 9.34 -20.03
CA ILE C 9 -28.29 9.77 -21.45
C ILE C 9 -26.85 9.76 -21.99
N LEU C 10 -26.58 8.95 -23.02
CA LEU C 10 -25.29 8.93 -23.74
C LEU C 10 -25.45 9.59 -25.11
N CYS C 11 -24.36 10.23 -25.54
CA CYS C 11 -24.14 10.75 -26.92
C CYS C 11 -22.96 9.99 -27.54
N LYS C 12 -23.13 9.47 -28.75
CA LYS C 12 -22.03 8.74 -29.45
C LYS C 12 -20.87 9.72 -29.64
N ASP C 13 -19.63 9.25 -29.56
CA ASP C 13 -18.40 10.09 -29.73
C ASP C 13 -18.14 10.30 -31.23
N GLN C 14 -16.99 10.89 -31.57
CA GLN C 14 -16.54 11.23 -32.95
C GLN C 14 -16.58 9.98 -33.86
N ASP C 15 -16.34 8.79 -33.31
CA ASP C 15 -16.26 7.53 -34.11
C ASP C 15 -17.62 6.83 -34.13
N GLY C 16 -18.67 7.39 -33.51
CA GLY C 16 -20.01 6.78 -33.42
C GLY C 16 -20.14 5.72 -32.31
N LYS C 17 -19.19 5.68 -31.37
CA LYS C 17 -19.14 4.64 -30.30
C LYS C 17 -19.55 5.26 -28.95
N ILE C 18 -20.06 4.45 -28.02
CA ILE C 18 -20.36 4.89 -26.63
C ILE C 18 -19.31 4.31 -25.66
N GLY C 19 -18.54 3.30 -26.07
CA GLY C 19 -17.43 2.69 -25.30
C GLY C 19 -17.93 1.63 -24.32
N LEU C 20 -18.85 0.78 -24.77
CA LEU C 20 -19.60 -0.19 -23.93
C LEU C 20 -19.53 -1.55 -24.61
N ARG C 21 -19.20 -2.60 -23.85
CA ARG C 21 -19.55 -3.99 -24.21
C ARG C 21 -20.56 -4.50 -23.17
N LEU C 22 -21.66 -5.07 -23.66
CA LEU C 22 -22.75 -5.68 -22.85
C LEU C 22 -22.69 -7.20 -22.95
N LYS C 23 -23.16 -7.88 -21.91
CA LYS C 23 -23.19 -9.37 -21.85
C LYS C 23 -24.54 -9.82 -21.29
N SER C 24 -25.18 -10.75 -21.99
CA SER C 24 -26.40 -11.44 -21.53
C SER C 24 -26.03 -12.47 -20.47
N ILE C 25 -26.58 -12.33 -19.27
CA ILE C 25 -26.38 -13.29 -18.15
C ILE C 25 -27.75 -13.47 -17.48
N ASP C 26 -28.20 -14.71 -17.31
CA ASP C 26 -29.43 -15.06 -16.55
C ASP C 26 -30.62 -14.26 -17.10
N ASN C 27 -30.70 -14.06 -18.43
CA ASN C 27 -31.78 -13.32 -19.12
C ASN C 27 -31.84 -11.86 -18.67
N GLY C 28 -30.73 -11.33 -18.16
CA GLY C 28 -30.54 -9.88 -18.02
C GLY C 28 -29.40 -9.41 -18.89
N ILE C 29 -29.12 -8.12 -18.87
CA ILE C 29 -28.00 -7.50 -19.63
C ILE C 29 -27.13 -6.76 -18.62
N PHE C 30 -25.84 -7.04 -18.66
CA PHE C 30 -24.85 -6.45 -17.74
C PHE C 30 -23.72 -5.81 -18.53
N VAL C 31 -23.16 -4.75 -17.95
CA VAL C 31 -21.97 -4.04 -18.50
C VAL C 31 -20.74 -4.91 -18.26
N GLN C 32 -20.11 -5.40 -19.34
CA GLN C 32 -18.89 -6.22 -19.25
C GLN C 32 -17.64 -5.35 -19.36
N LEU C 33 -17.71 -4.25 -20.12
CA LEU C 33 -16.56 -3.35 -20.42
C LEU C 33 -17.06 -1.91 -20.57
N VAL C 34 -16.36 -0.98 -19.92
CA VAL C 34 -16.50 0.49 -20.12
C VAL C 34 -15.12 1.02 -20.53
N GLN C 35 -15.01 1.60 -21.73
CA GLN C 35 -13.73 2.14 -22.24
C GLN C 35 -13.44 3.43 -21.46
N ALA C 36 -12.19 3.57 -21.01
CA ALA C 36 -11.69 4.80 -20.34
C ALA C 36 -12.04 6.00 -21.22
N ASN C 37 -12.58 7.05 -20.61
CA ASN C 37 -12.77 8.40 -21.23
C ASN C 37 -13.85 8.36 -22.31
N SER C 38 -14.70 7.32 -22.30
CA SER C 38 -15.79 7.11 -23.28
C SER C 38 -17.04 7.84 -22.80
N PRO C 39 -18.02 8.10 -23.69
CA PRO C 39 -19.34 8.59 -23.26
C PRO C 39 -19.92 7.74 -22.10
N ALA C 40 -19.82 6.42 -22.20
CA ALA C 40 -20.23 5.46 -21.15
C ALA C 40 -19.55 5.81 -19.82
N SER C 41 -18.22 5.98 -19.84
CA SER C 41 -17.41 6.31 -18.65
C SER C 41 -17.94 7.60 -18.02
N LEU C 42 -18.25 8.60 -18.85
CA LEU C 42 -18.55 9.98 -18.38
C LEU C 42 -19.94 10.06 -17.74
N VAL C 43 -20.87 9.14 -18.02
CA VAL C 43 -22.21 9.11 -17.36
C VAL C 43 -22.21 8.13 -16.18
N GLY C 44 -21.07 7.57 -15.81
CA GLY C 44 -20.87 6.75 -14.60
C GLY C 44 -21.20 5.27 -14.78
N LEU C 45 -21.32 4.76 -16.01
CA LEU C 45 -21.51 3.30 -16.25
C LEU C 45 -20.26 2.57 -15.78
N ARG C 46 -20.44 1.39 -15.18
CA ARG C 46 -19.33 0.61 -14.56
C ARG C 46 -19.54 -0.87 -14.86
N PHE C 47 -18.43 -1.61 -14.96
CA PHE C 47 -18.41 -3.09 -14.95
C PHE C 47 -19.43 -3.58 -13.91
N GLY C 48 -20.35 -4.44 -14.34
CA GLY C 48 -21.31 -5.12 -13.43
C GLY C 48 -22.63 -4.41 -13.27
N ASP C 49 -22.77 -3.18 -13.79
CA ASP C 49 -24.07 -2.49 -13.88
C ASP C 49 -25.05 -3.41 -14.65
N GLN C 50 -26.29 -3.43 -14.18
CA GLN C 50 -27.39 -4.13 -14.89
C GLN C 50 -28.15 -3.11 -15.72
N VAL C 51 -28.40 -3.44 -16.99
CA VAL C 51 -29.20 -2.61 -17.94
C VAL C 51 -30.64 -3.16 -17.97
N LEU C 52 -31.61 -2.41 -17.45
CA LEU C 52 -33.04 -2.81 -17.43
C LEU C 52 -33.72 -2.42 -18.75
N GLN C 53 -33.44 -1.21 -19.24
CA GLN C 53 -34.08 -0.64 -20.46
C GLN C 53 -33.01 0.05 -21.31
N ILE C 54 -33.15 -0.08 -22.63
CA ILE C 54 -32.44 0.77 -23.62
C ILE C 54 -33.52 1.51 -24.43
N ASN C 55 -33.49 2.85 -24.39
CA ASN C 55 -34.51 3.74 -25.02
C ASN C 55 -35.90 3.27 -24.62
N GLY C 56 -36.11 2.96 -23.33
CA GLY C 56 -37.43 2.65 -22.74
C GLY C 56 -37.94 1.26 -23.12
N GLU C 57 -37.16 0.43 -23.81
CA GLU C 57 -37.51 -0.99 -24.09
C GLU C 57 -36.74 -1.92 -23.13
N ASN C 58 -37.45 -2.88 -22.55
CA ASN C 58 -36.92 -3.89 -21.60
C ASN C 58 -35.84 -4.74 -22.28
N CYS C 59 -34.70 -4.90 -21.62
CA CYS C 59 -33.58 -5.77 -22.08
C CYS C 59 -33.80 -7.25 -21.74
N ALA C 60 -34.81 -7.57 -20.92
CA ALA C 60 -35.09 -8.94 -20.45
C ALA C 60 -35.04 -9.92 -21.63
N GLY C 61 -34.20 -10.95 -21.52
CA GLY C 61 -34.11 -12.04 -22.50
C GLY C 61 -33.35 -11.66 -23.76
N TRP C 62 -32.83 -10.43 -23.87
CA TRP C 62 -32.00 -10.03 -25.04
C TRP C 62 -30.67 -10.77 -25.04
N SER C 63 -30.24 -11.26 -26.22
CA SER C 63 -28.86 -11.72 -26.45
C SER C 63 -27.93 -10.52 -26.36
N SER C 64 -26.65 -10.73 -26.07
CA SER C 64 -25.58 -9.70 -26.20
C SER C 64 -25.65 -9.04 -27.59
N ASP C 65 -25.77 -9.83 -28.66
CA ASP C 65 -25.87 -9.33 -30.07
C ASP C 65 -27.04 -8.37 -30.21
N LYS C 66 -28.21 -8.75 -29.69
CA LYS C 66 -29.42 -7.90 -29.82
C LYS C 66 -29.16 -6.55 -29.14
N ALA C 67 -28.65 -6.56 -27.90
CA ALA C 67 -28.38 -5.33 -27.14
C ALA C 67 -27.45 -4.45 -27.98
N HIS C 68 -26.39 -5.04 -28.55
CA HIS C 68 -25.38 -4.33 -29.39
C HIS C 68 -25.99 -3.82 -30.68
N LYS C 69 -26.82 -4.62 -31.35
CA LYS C 69 -27.53 -4.18 -32.58
C LYS C 69 -28.43 -2.99 -32.23
N VAL C 70 -29.19 -3.07 -31.14
CA VAL C 70 -30.15 -1.98 -30.75
C VAL C 70 -29.35 -0.69 -30.53
N LEU C 71 -28.19 -0.76 -29.86
CA LEU C 71 -27.35 0.42 -29.57
C LEU C 71 -26.80 0.99 -30.89
N LYS C 72 -26.32 0.12 -31.79
CA LYS C 72 -25.72 0.50 -33.09
C LYS C 72 -26.77 1.18 -33.98
N GLN C 73 -28.00 0.69 -33.99
CA GLN C 73 -29.08 1.19 -34.88
C GLN C 73 -29.80 2.40 -34.26
N ALA C 74 -29.57 2.70 -32.99
CA ALA C 74 -30.28 3.80 -32.28
C ALA C 74 -30.24 5.10 -33.11
N PHE C 75 -31.43 5.59 -33.47
CA PHE C 75 -31.66 6.88 -34.18
C PHE C 75 -31.00 8.02 -33.39
N GLY C 76 -30.21 8.84 -34.09
CA GLY C 76 -29.68 10.11 -33.57
C GLY C 76 -28.59 9.92 -32.54
N GLU C 77 -28.13 11.01 -31.95
CA GLU C 77 -26.94 11.05 -31.06
C GLU C 77 -27.30 10.55 -29.66
N LYS C 78 -28.59 10.62 -29.27
CA LYS C 78 -29.06 10.51 -27.86
C LYS C 78 -29.63 9.12 -27.54
N ILE C 79 -28.98 8.42 -26.62
CA ILE C 79 -29.39 7.05 -26.16
C ILE C 79 -29.67 7.12 -24.66
N THR C 80 -30.86 6.68 -24.24
CA THR C 80 -31.24 6.52 -22.81
C THR C 80 -31.04 5.05 -22.41
N MET C 81 -30.53 4.84 -21.19
CA MET C 81 -30.51 3.50 -20.56
C MET C 81 -31.04 3.63 -19.13
N THR C 82 -31.81 2.65 -18.68
CA THR C 82 -32.21 2.49 -17.27
C THR C 82 -31.29 1.43 -16.66
N ILE C 83 -30.65 1.80 -15.55
CA ILE C 83 -29.45 1.12 -14.97
C ILE C 83 -29.72 0.78 -13.52
N ARG C 84 -29.28 -0.39 -13.09
CA ARG C 84 -29.10 -0.73 -11.66
C ARG C 84 -27.60 -0.71 -11.43
N ASP C 85 -27.15 0.12 -10.49
N ASP C 85 -27.14 0.14 -10.51
CA ASP C 85 -25.72 0.33 -10.12
CA ASP C 85 -25.71 0.35 -10.15
C ASP C 85 -25.18 -0.95 -9.50
C ASP C 85 -25.17 -0.93 -9.51
N ARG C 86 -24.13 -1.55 -10.11
CA ARG C 86 -23.39 -2.73 -9.61
C ARG C 86 -24.17 -3.45 -8.52
N PRO C 87 -25.31 -4.13 -8.84
CA PRO C 87 -26.16 -4.72 -7.80
C PRO C 87 -25.58 -5.91 -7.03
N PHE C 88 -24.63 -6.65 -7.64
CA PHE C 88 -24.01 -7.88 -7.07
C PHE C 88 -22.70 -7.53 -6.33
N GLU C 89 -22.38 -6.24 -6.22
CA GLU C 89 -21.18 -5.71 -5.52
C GLU C 89 -21.27 -6.02 -4.02
N ARG C 90 -20.23 -6.62 -3.44
CA ARG C 90 -20.11 -6.93 -1.99
C ARG C 90 -18.72 -6.51 -1.49
N THR C 91 -18.63 -6.02 -0.26
CA THR C 91 -17.38 -5.57 0.39
C THR C 91 -16.97 -6.56 1.49
N ILE C 92 -15.69 -6.90 1.58
CA ILE C 92 -15.11 -7.71 2.67
C ILE C 92 -13.85 -6.98 3.18
N THR C 93 -13.66 -6.96 4.50
CA THR C 93 -12.48 -6.34 5.16
C THR C 93 -11.53 -7.45 5.62
N MET C 94 -10.25 -7.31 5.30
CA MET C 94 -9.18 -8.21 5.74
C MET C 94 -8.06 -7.39 6.39
N HIS C 95 -7.18 -8.06 7.12
CA HIS C 95 -5.99 -7.45 7.77
C HIS C 95 -4.74 -8.16 7.25
N LYS C 96 -3.74 -7.38 6.85
CA LYS C 96 -2.41 -7.91 6.41
C LYS C 96 -1.75 -8.63 7.58
N ASP C 97 -1.09 -9.75 7.29
CA ASP C 97 -0.30 -10.54 8.26
C ASP C 97 1.09 -9.88 8.37
N SER C 98 2.00 -10.51 9.14
CA SER C 98 3.38 -10.05 9.37
C SER C 98 4.19 -9.95 8.08
N THR C 99 3.79 -10.66 7.02
CA THR C 99 4.47 -10.63 5.70
C THR C 99 3.81 -9.59 4.77
N GLY C 100 2.79 -8.87 5.22
CA GLY C 100 2.05 -7.88 4.41
C GLY C 100 1.02 -8.50 3.45
N HIS C 101 0.65 -9.77 3.63
CA HIS C 101 -0.33 -10.49 2.78
C HIS C 101 -1.69 -10.60 3.48
N VAL C 102 -2.78 -10.54 2.71
CA VAL C 102 -4.16 -10.86 3.18
C VAL C 102 -4.51 -12.33 2.87
N GLY C 103 -3.94 -12.91 1.83
CA GLY C 103 -3.98 -14.37 1.58
C GLY C 103 -4.85 -14.77 0.39
N PHE C 104 -4.67 -14.17 -0.79
CA PHE C 104 -5.34 -14.69 -2.02
C PHE C 104 -4.44 -14.52 -3.24
N ILE C 105 -4.69 -15.39 -4.22
CA ILE C 105 -4.14 -15.36 -5.60
C ILE C 105 -5.23 -14.85 -6.54
N PHE C 106 -4.87 -14.09 -7.54
CA PHE C 106 -5.80 -13.63 -8.59
C PHE C 106 -5.09 -13.60 -9.94
N LYS C 107 -5.90 -13.62 -11.01
CA LYS C 107 -5.44 -13.50 -12.41
C LYS C 107 -6.52 -12.74 -13.19
N ASN C 108 -6.10 -11.72 -13.94
CA ASN C 108 -7.00 -10.82 -14.71
C ASN C 108 -8.05 -10.24 -13.75
N GLY C 109 -7.63 -9.85 -12.55
CA GLY C 109 -8.49 -9.22 -11.55
C GLY C 109 -9.52 -10.19 -11.00
N LYS C 110 -9.41 -11.50 -11.28
CA LYS C 110 -10.33 -12.53 -10.75
C LYS C 110 -9.60 -13.37 -9.70
N ILE C 111 -10.17 -13.46 -8.50
CA ILE C 111 -9.61 -14.24 -7.37
C ILE C 111 -9.70 -15.72 -7.74
N THR C 112 -8.58 -16.45 -7.67
CA THR C 112 -8.48 -17.85 -8.14
C THR C 112 -8.23 -18.82 -6.96
N SER C 113 -7.62 -18.37 -5.86
CA SER C 113 -7.44 -19.23 -4.66
C SER C 113 -7.29 -18.40 -3.38
N ILE C 114 -7.62 -19.03 -2.26
CA ILE C 114 -7.57 -18.46 -0.89
C ILE C 114 -6.46 -19.23 -0.17
N VAL C 115 -5.53 -18.51 0.43
CA VAL C 115 -4.41 -19.11 1.20
C VAL C 115 -4.94 -19.55 2.56
N LYS C 116 -4.60 -20.78 2.94
CA LYS C 116 -4.89 -21.38 4.26
C LYS C 116 -4.42 -20.46 5.39
N ASP C 117 -5.26 -20.29 6.42
CA ASP C 117 -4.90 -19.65 7.71
C ASP C 117 -4.63 -18.15 7.49
N SER C 118 -5.17 -17.57 6.41
CA SER C 118 -5.00 -16.14 6.06
C SER C 118 -6.24 -15.36 6.50
N SER C 119 -6.12 -14.04 6.51
CA SER C 119 -7.23 -13.10 6.75
C SER C 119 -8.34 -13.35 5.70
N ALA C 120 -7.96 -13.64 4.45
CA ALA C 120 -8.90 -13.94 3.35
C ALA C 120 -9.73 -15.19 3.74
N ALA C 121 -9.06 -16.23 4.24
CA ALA C 121 -9.69 -17.48 4.74
C ALA C 121 -10.65 -17.17 5.91
N ARG C 122 -10.18 -16.44 6.93
CA ARG C 122 -10.99 -16.13 8.14
C ARG C 122 -12.24 -15.33 7.76
N ASN C 123 -12.16 -14.49 6.73
CA ASN C 123 -13.21 -13.52 6.39
C ASN C 123 -14.11 -14.07 5.27
N GLY C 124 -13.86 -15.31 4.82
CA GLY C 124 -14.69 -15.98 3.82
C GLY C 124 -14.66 -15.32 2.46
N LEU C 125 -13.50 -14.80 2.04
CA LEU C 125 -13.32 -14.33 0.64
C LEU C 125 -13.57 -15.53 -0.30
N LEU C 126 -14.16 -15.29 -1.47
CA LEU C 126 -14.56 -16.35 -2.42
C LEU C 126 -13.75 -16.25 -3.71
N THR C 127 -13.51 -17.38 -4.39
CA THR C 127 -12.89 -17.43 -5.74
C THR C 127 -13.97 -17.16 -6.82
N GLU C 128 -13.58 -17.10 -8.08
CA GLU C 128 -14.49 -16.78 -9.23
C GLU C 128 -15.24 -15.48 -8.94
N HIS C 129 -14.57 -14.53 -8.30
CA HIS C 129 -15.06 -13.16 -8.05
C HIS C 129 -14.05 -12.17 -8.62
N ASN C 130 -14.53 -11.14 -9.30
CA ASN C 130 -13.70 -10.04 -9.85
C ASN C 130 -13.46 -9.03 -8.72
N ILE C 131 -12.25 -8.51 -8.64
CA ILE C 131 -11.90 -7.37 -7.73
C ILE C 131 -12.36 -6.09 -8.43
N CYS C 132 -13.23 -5.32 -7.78
CA CYS C 132 -13.79 -4.06 -8.30
C CYS C 132 -13.08 -2.88 -7.68
N GLU C 133 -12.87 -2.90 -6.38
CA GLU C 133 -12.23 -1.79 -5.61
C GLU C 133 -11.34 -2.39 -4.53
N ILE C 134 -10.25 -1.68 -4.24
CA ILE C 134 -9.41 -1.91 -3.03
C ILE C 134 -9.40 -0.60 -2.23
N ASN C 135 -9.83 -0.64 -0.98
CA ASN C 135 -9.89 0.54 -0.07
C ASN C 135 -10.57 1.70 -0.80
N GLY C 136 -11.70 1.44 -1.46
CA GLY C 136 -12.50 2.49 -2.16
C GLY C 136 -11.92 2.91 -3.50
N GLN C 137 -10.74 2.41 -3.90
CA GLN C 137 -10.11 2.78 -5.20
C GLN C 137 -10.55 1.79 -6.26
N ASN C 138 -11.06 2.28 -7.39
CA ASN C 138 -11.55 1.43 -8.50
C ASN C 138 -10.34 0.79 -9.19
N VAL C 139 -10.37 -0.52 -9.41
CA VAL C 139 -9.23 -1.26 -10.03
C VAL C 139 -9.70 -1.97 -11.31
N ILE C 140 -10.94 -1.77 -11.73
CA ILE C 140 -11.45 -2.32 -13.01
C ILE C 140 -10.59 -1.73 -14.12
N GLY C 141 -10.04 -2.58 -14.99
CA GLY C 141 -9.18 -2.16 -16.11
C GLY C 141 -7.71 -2.04 -15.73
N LEU C 142 -7.34 -2.16 -14.46
CA LEU C 142 -5.89 -2.16 -14.07
C LEU C 142 -5.29 -3.53 -14.38
N LYS C 143 -4.00 -3.56 -14.75
CA LYS C 143 -3.24 -4.82 -14.92
C LYS C 143 -3.03 -5.41 -13.53
N ASP C 144 -2.85 -6.73 -13.47
CA ASP C 144 -2.60 -7.48 -12.19
C ASP C 144 -1.47 -6.81 -11.41
N SER C 145 -0.38 -6.34 -12.06
CA SER C 145 0.81 -5.79 -11.36
C SER C 145 0.39 -4.48 -10.66
N GLN C 146 -0.52 -3.73 -11.26
CA GLN C 146 -1.02 -2.44 -10.71
C GLN C 146 -1.90 -2.72 -9.49
N ILE C 147 -2.68 -3.79 -9.53
CA ILE C 147 -3.53 -4.25 -8.38
C ILE C 147 -2.58 -4.63 -7.24
N ALA C 148 -1.54 -5.42 -7.52
CA ALA C 148 -0.48 -5.76 -6.53
C ALA C 148 0.18 -4.49 -5.99
N ASP C 149 0.46 -3.47 -6.81
CA ASP C 149 1.09 -2.21 -6.35
C ASP C 149 0.20 -1.56 -5.29
N ILE C 150 -1.10 -1.50 -5.55
CA ILE C 150 -2.09 -0.88 -4.63
C ILE C 150 -2.14 -1.69 -3.34
N LEU C 151 -2.20 -3.03 -3.43
CA LEU C 151 -2.25 -3.90 -2.22
C LEU C 151 -0.95 -3.74 -1.46
N SER C 152 0.20 -3.64 -2.13
CA SER C 152 1.51 -3.59 -1.44
C SER C 152 1.65 -2.27 -0.68
N THR C 153 1.05 -1.18 -1.16
CA THR C 153 1.20 0.17 -0.55
C THR C 153 0.11 0.39 0.52
N SER C 154 -0.88 -0.50 0.61
CA SER C 154 -2.00 -0.37 1.57
C SER C 154 -1.48 -0.45 3.02
N GLY C 155 -2.15 0.26 3.92
CA GLY C 155 -2.08 -0.01 5.37
C GLY C 155 -2.57 -1.42 5.69
N THR C 156 -2.62 -1.74 6.98
CA THR C 156 -2.94 -3.09 7.51
C THR C 156 -4.35 -3.48 7.06
N VAL C 157 -5.30 -2.56 7.11
CA VAL C 157 -6.74 -2.81 6.78
C VAL C 157 -6.92 -2.75 5.26
N VAL C 158 -7.38 -3.86 4.67
CA VAL C 158 -7.64 -4.00 3.22
C VAL C 158 -9.11 -4.35 3.03
N THR C 159 -9.89 -3.41 2.52
CA THR C 159 -11.33 -3.57 2.20
C THR C 159 -11.42 -3.81 0.70
N ILE C 160 -11.93 -4.96 0.28
CA ILE C 160 -12.03 -5.28 -1.18
C ILE C 160 -13.52 -5.40 -1.54
N THR C 161 -13.88 -4.84 -2.68
CA THR C 161 -15.23 -4.91 -3.26
C THR C 161 -15.14 -5.94 -4.38
N ILE C 162 -15.99 -6.96 -4.33
CA ILE C 162 -15.96 -8.11 -5.26
C ILE C 162 -17.33 -8.30 -5.90
N MET C 163 -17.37 -9.12 -6.95
CA MET C 163 -18.58 -9.46 -7.71
C MET C 163 -18.35 -10.82 -8.35
N PRO C 164 -19.36 -11.71 -8.42
CA PRO C 164 -19.22 -12.97 -9.13
C PRO C 164 -18.78 -12.67 -10.57
N ALA C 165 -17.78 -13.41 -11.06
CA ALA C 165 -17.17 -13.20 -12.40
C ALA C 165 -18.19 -13.55 -13.50
N PHE C 166 -18.01 -12.97 -14.70
CA PHE C 166 -18.82 -13.26 -15.93
C PHE C 166 -18.38 -14.61 -16.51
N ASP D 4 16.39 24.91 5.73
CA ASP D 4 15.69 26.05 5.05
C ASP D 4 16.32 26.28 3.67
N PRO D 5 15.57 26.08 2.56
CA PRO D 5 16.09 26.42 1.23
C PRO D 5 16.39 27.91 1.05
N ARG D 6 17.29 28.25 0.12
CA ARG D 6 17.57 29.63 -0.29
C ARG D 6 17.61 29.69 -1.83
N GLU D 7 17.33 30.86 -2.40
CA GLU D 7 17.24 31.09 -3.85
C GLU D 7 18.49 31.83 -4.30
N VAL D 8 19.03 31.46 -5.45
CA VAL D 8 20.30 32.02 -5.99
C VAL D 8 20.02 32.36 -7.46
N ILE D 9 20.57 33.47 -7.97
CA ILE D 9 20.42 33.93 -9.38
C ILE D 9 21.81 33.91 -10.04
N LEU D 10 22.03 33.09 -11.07
CA LEU D 10 23.29 33.03 -11.84
C LEU D 10 23.09 33.63 -13.23
N CYS D 11 24.12 34.28 -13.78
CA CYS D 11 24.24 34.64 -15.22
C CYS D 11 25.54 34.03 -15.76
N LYS D 12 25.56 33.50 -16.98
CA LYS D 12 26.84 33.07 -17.63
C LYS D 12 27.78 34.27 -17.71
N ASP D 13 29.07 34.04 -17.48
CA ASP D 13 30.07 35.13 -17.34
C ASP D 13 30.60 35.46 -18.74
N GLN D 14 31.58 36.36 -18.79
CA GLN D 14 32.25 36.87 -20.03
C GLN D 14 32.80 35.70 -20.84
N ASP D 15 33.22 34.61 -20.18
CA ASP D 15 33.89 33.46 -20.83
C ASP D 15 32.86 32.39 -21.22
N GLY D 16 31.57 32.64 -21.01
CA GLY D 16 30.47 31.73 -21.40
C GLY D 16 30.10 30.74 -20.30
N LYS D 17 30.72 30.79 -19.11
CA LYS D 17 30.57 29.71 -18.09
C LYS D 17 29.69 30.13 -16.91
N ILE D 18 28.98 29.16 -16.33
CA ILE D 18 28.32 29.31 -15.00
C ILE D 18 29.13 28.59 -13.91
N GLY D 19 29.87 27.53 -14.29
CA GLY D 19 30.95 26.92 -13.50
C GLY D 19 30.44 25.85 -12.54
N LEU D 20 29.49 25.04 -12.97
CA LEU D 20 28.74 24.07 -12.12
C LEU D 20 28.76 22.71 -12.82
N ARG D 21 29.12 21.65 -12.10
CA ARG D 21 28.73 20.26 -12.46
C ARG D 21 27.76 19.75 -11.37
N LEU D 22 26.65 19.14 -11.82
CA LEU D 22 25.61 18.54 -10.95
C LEU D 22 25.67 17.01 -11.04
N LYS D 23 25.17 16.33 -10.01
CA LYS D 23 25.15 14.85 -9.93
C LYS D 23 23.82 14.41 -9.33
N SER D 24 23.16 13.47 -9.99
CA SER D 24 21.96 12.77 -9.44
C SER D 24 22.38 11.76 -8.38
N ILE D 25 21.91 11.93 -7.15
CA ILE D 25 22.13 10.97 -6.03
C ILE D 25 20.79 10.79 -5.30
N ASP D 26 20.34 9.54 -5.17
CA ASP D 26 19.12 9.16 -4.41
C ASP D 26 17.93 9.98 -4.91
N ASN D 27 17.82 10.21 -6.22
CA ASN D 27 16.71 10.98 -6.87
C ASN D 27 16.67 12.43 -6.37
N GLY D 28 17.79 12.94 -5.86
CA GLY D 28 18.02 14.39 -5.73
C GLY D 28 19.12 14.85 -6.67
N ILE D 29 19.38 16.15 -6.69
CA ILE D 29 20.46 16.76 -7.50
C ILE D 29 21.41 17.49 -6.55
N PHE D 30 22.69 17.19 -6.64
CA PHE D 30 23.73 17.79 -5.76
C PHE D 30 24.82 18.43 -6.61
N VAL D 31 25.38 19.52 -6.08
CA VAL D 31 26.56 20.24 -6.65
C VAL D 31 27.80 19.36 -6.46
N GLN D 32 28.36 18.88 -7.57
CA GLN D 32 29.59 18.03 -7.54
C GLN D 32 30.83 18.90 -7.69
N LEU D 33 30.74 20.01 -8.45
CA LEU D 33 31.90 20.87 -8.79
C LEU D 33 31.45 22.33 -8.91
N VAL D 34 32.19 23.23 -8.28
CA VAL D 34 32.03 24.71 -8.42
C VAL D 34 33.39 25.28 -8.88
N GLN D 35 33.44 25.87 -10.07
CA GLN D 35 34.71 26.41 -10.65
C GLN D 35 35.03 27.70 -9.90
N ALA D 36 36.29 27.84 -9.49
CA ALA D 36 36.83 29.07 -8.85
C ALA D 36 36.42 30.27 -9.72
N ASN D 37 35.92 31.34 -9.08
CA ASN D 37 35.70 32.68 -9.68
C ASN D 37 34.54 32.64 -10.68
N SER D 38 33.70 31.60 -10.63
CA SER D 38 32.57 31.37 -11.57
C SER D 38 31.34 32.08 -11.01
N PRO D 39 30.31 32.34 -11.84
CA PRO D 39 29.01 32.80 -11.34
C PRO D 39 28.47 31.93 -10.20
N ALA D 40 28.60 30.60 -10.33
CA ALA D 40 28.24 29.62 -9.26
C ALA D 40 28.97 29.99 -7.96
N SER D 41 30.30 30.16 -8.04
CA SER D 41 31.17 30.50 -6.87
C SER D 41 30.66 31.78 -6.22
N LEU D 42 30.30 32.79 -7.02
CA LEU D 42 30.03 34.16 -6.52
C LEU D 42 28.67 34.24 -5.84
N VAL D 43 27.73 33.30 -6.09
CA VAL D 43 26.42 33.27 -5.38
C VAL D 43 26.47 32.27 -4.21
N GLY D 44 27.64 31.72 -3.88
CA GLY D 44 27.89 30.91 -2.67
C GLY D 44 27.59 29.43 -2.84
N LEU D 45 27.42 28.91 -4.07
CA LEU D 45 27.22 27.46 -4.30
C LEU D 45 28.48 26.72 -3.87
N ARG D 46 28.33 25.55 -3.26
CA ARG D 46 29.46 24.75 -2.73
C ARG D 46 29.22 23.29 -3.05
N PHE D 47 30.32 22.54 -3.20
CA PHE D 47 30.35 21.06 -3.18
C PHE D 47 29.36 20.56 -2.12
N GLY D 48 28.42 19.71 -2.52
CA GLY D 48 27.49 19.02 -1.59
C GLY D 48 26.15 19.72 -1.41
N ASP D 49 26.02 20.96 -1.89
CA ASP D 49 24.70 21.67 -1.90
C ASP D 49 23.69 20.79 -2.64
N GLN D 50 22.47 20.77 -2.14
CA GLN D 50 21.33 20.10 -2.81
C GLN D 50 20.56 21.13 -3.60
N VAL D 51 20.26 20.80 -4.86
CA VAL D 51 19.43 21.64 -5.77
C VAL D 51 17.99 21.09 -5.75
N LEU D 52 17.05 21.86 -5.19
CA LEU D 52 15.63 21.47 -5.07
C LEU D 52 14.88 21.86 -6.35
N GLN D 53 15.15 23.06 -6.86
CA GLN D 53 14.46 23.64 -8.05
C GLN D 53 15.48 24.33 -8.95
N ILE D 54 15.28 24.19 -10.26
CA ILE D 54 15.95 25.02 -11.30
C ILE D 54 14.85 25.77 -12.05
N ASN D 55 14.94 27.11 -12.07
CA ASN D 55 13.94 28.01 -12.70
C ASN D 55 12.54 27.65 -12.19
N GLY D 56 12.40 27.39 -10.89
CA GLY D 56 11.11 27.15 -10.21
C GLY D 56 10.54 25.75 -10.45
N GLU D 57 11.22 24.86 -11.18
CA GLU D 57 10.78 23.46 -11.40
C GLU D 57 11.58 22.48 -10.53
N ASN D 58 10.91 21.50 -9.93
CA ASN D 58 11.53 20.46 -9.08
C ASN D 58 12.57 19.65 -9.86
N CYS D 59 13.74 19.43 -9.25
CA CYS D 59 14.82 18.56 -9.76
C CYS D 59 14.59 17.08 -9.43
N ALA D 60 13.61 16.77 -8.58
CA ALA D 60 13.37 15.41 -8.04
C ALA D 60 13.36 14.40 -9.20
N GLY D 61 14.20 13.38 -9.15
CA GLY D 61 14.20 12.27 -10.13
C GLY D 61 14.93 12.63 -11.41
N TRP D 62 15.44 13.85 -11.56
CA TRP D 62 16.23 14.22 -12.76
C TRP D 62 17.56 13.46 -12.80
N SER D 63 17.96 12.97 -13.98
CA SER D 63 19.34 12.50 -14.25
C SER D 63 20.27 13.72 -14.20
N SER D 64 21.57 13.50 -13.95
CA SER D 64 22.64 14.51 -14.14
C SER D 64 22.52 15.14 -15.54
N ASP D 65 22.36 14.34 -16.59
CA ASP D 65 22.22 14.83 -18.00
C ASP D 65 21.04 15.79 -18.12
N LYS D 66 19.89 15.44 -17.56
CA LYS D 66 18.68 16.29 -17.66
C LYS D 66 18.98 17.65 -16.98
N ALA D 67 19.53 17.64 -15.77
CA ALA D 67 19.85 18.87 -15.02
C ALA D 67 20.76 19.74 -15.91
N HIS D 68 21.77 19.13 -16.53
CA HIS D 68 22.75 19.82 -17.41
C HIS D 68 22.08 20.33 -18.69
N LYS D 69 21.22 19.52 -19.32
CA LYS D 69 20.42 19.98 -20.49
C LYS D 69 19.58 21.20 -20.10
N VAL D 70 18.88 21.15 -18.95
CA VAL D 70 17.98 22.25 -18.52
C VAL D 70 18.81 23.53 -18.35
N LEU D 71 19.99 23.42 -17.74
CA LEU D 71 20.89 24.59 -17.50
C LEU D 71 21.36 25.15 -18.85
N LYS D 72 21.78 24.26 -19.77
CA LYS D 72 22.34 24.63 -21.09
C LYS D 72 21.27 25.32 -21.95
N GLN D 73 20.02 24.83 -21.89
CA GLN D 73 18.90 25.34 -22.73
C GLN D 73 18.29 26.60 -22.13
N ALA D 74 18.55 26.91 -20.86
CA ALA D 74 17.91 28.06 -20.15
C ALA D 74 17.94 29.34 -21.03
N PHE D 75 16.74 29.81 -21.42
CA PHE D 75 16.52 30.74 -22.57
C PHE D 75 17.27 32.05 -22.35
N GLY D 76 17.06 32.68 -21.19
CA GLY D 76 17.70 33.96 -20.86
C GLY D 76 19.19 33.78 -20.59
N GLU D 77 19.80 34.78 -19.98
CA GLU D 77 21.16 34.68 -19.39
C GLU D 77 21.00 34.59 -17.86
N LYS D 78 19.77 34.47 -17.34
CA LYS D 78 19.48 34.44 -15.89
C LYS D 78 18.86 33.08 -15.50
N ILE D 79 19.52 32.38 -14.56
CA ILE D 79 19.10 31.07 -14.03
C ILE D 79 18.87 31.22 -12.54
N THR D 80 17.67 30.83 -12.07
CA THR D 80 17.34 30.74 -10.63
C THR D 80 17.49 29.28 -10.18
N MET D 81 18.02 29.08 -9.00
CA MET D 81 18.06 27.74 -8.35
C MET D 81 17.60 27.88 -6.91
N THR D 82 16.85 26.91 -6.41
CA THR D 82 16.52 26.76 -4.97
C THR D 82 17.46 25.70 -4.40
N ILE D 83 18.17 26.07 -3.34
CA ILE D 83 19.37 25.37 -2.78
C ILE D 83 19.12 25.03 -1.32
N ARG D 84 19.50 23.83 -0.93
CA ARG D 84 19.69 23.45 0.49
C ARG D 84 21.21 23.40 0.70
N ASP D 85 21.72 24.20 1.65
CA ASP D 85 23.15 24.31 2.03
C ASP D 85 23.64 22.94 2.55
N ARG D 86 24.67 22.37 1.90
CA ARG D 86 25.41 21.16 2.33
C ARG D 86 24.65 20.39 3.41
N PRO D 87 23.55 19.69 3.07
CA PRO D 87 22.78 18.93 4.06
C PRO D 87 23.47 17.69 4.66
N PHE D 88 24.47 17.11 4.00
CA PHE D 88 25.23 15.92 4.45
C PHE D 88 26.51 16.32 5.21
N GLU D 89 26.71 17.63 5.42
CA GLU D 89 27.91 18.21 6.11
C GLU D 89 27.96 17.73 7.57
N ARG D 90 29.10 17.19 8.01
CA ARG D 90 29.36 16.82 9.42
C ARG D 90 30.70 17.41 9.87
N THR D 91 30.75 17.91 11.11
CA THR D 91 31.96 18.49 11.74
C THR D 91 32.48 17.51 12.79
N ILE D 92 33.79 17.27 12.79
CA ILE D 92 34.47 16.45 13.83
C ILE D 92 35.65 17.27 14.36
N THR D 93 35.82 17.30 15.66
CA THR D 93 36.96 17.96 16.34
C THR D 93 37.95 16.89 16.80
N MET D 94 39.21 17.09 16.46
CA MET D 94 40.34 16.23 16.88
C MET D 94 41.39 17.10 17.56
N HIS D 95 42.29 16.46 18.29
CA HIS D 95 43.43 17.10 19.00
C HIS D 95 44.71 16.45 18.50
N LYS D 96 45.70 17.26 18.11
CA LYS D 96 47.02 16.79 17.67
C LYS D 96 47.69 16.08 18.84
N ASP D 97 48.37 14.97 18.55
CA ASP D 97 49.17 14.21 19.55
C ASP D 97 50.54 14.89 19.69
N SER D 98 51.43 14.30 20.47
CA SER D 98 52.80 14.83 20.75
C SER D 98 53.63 14.93 19.46
N THR D 99 53.28 14.21 18.40
CA THR D 99 53.99 14.27 17.10
C THR D 99 53.32 15.28 16.14
N GLY D 100 52.27 15.98 16.59
CA GLY D 100 51.50 16.95 15.76
C GLY D 100 50.52 16.31 14.77
N HIS D 101 50.19 15.03 14.94
CA HIS D 101 49.24 14.28 14.06
C HIS D 101 47.87 14.12 14.72
N VAL D 102 46.80 14.17 13.91
CA VAL D 102 45.41 13.82 14.33
C VAL D 102 45.10 12.36 13.96
N GLY D 103 45.73 11.81 12.93
CA GLY D 103 45.70 10.37 12.60
C GLY D 103 44.82 9.98 11.42
N PHE D 104 44.95 10.62 10.25
CA PHE D 104 44.32 10.11 9.01
C PHE D 104 45.21 10.35 7.78
N ILE D 105 44.98 9.51 6.78
CA ILE D 105 45.53 9.57 5.41
C ILE D 105 44.41 10.04 4.49
N PHE D 106 44.75 10.82 3.48
CA PHE D 106 43.80 11.27 2.45
C PHE D 106 44.51 11.33 1.10
N LYS D 107 43.70 11.29 0.05
CA LYS D 107 44.11 11.40 -1.37
C LYS D 107 42.99 12.10 -2.13
N ASN D 108 43.36 13.12 -2.90
CA ASN D 108 42.42 14.01 -3.65
C ASN D 108 41.40 14.58 -2.68
N GLY D 109 41.83 15.00 -1.49
CA GLY D 109 40.95 15.62 -0.47
C GLY D 109 39.96 14.64 0.12
N LYS D 110 40.12 13.34 -0.16
CA LYS D 110 39.21 12.28 0.36
C LYS D 110 39.98 11.43 1.38
N ILE D 111 39.43 11.31 2.60
CA ILE D 111 40.03 10.52 3.70
C ILE D 111 39.98 9.04 3.28
N THR D 112 41.13 8.36 3.32
CA THR D 112 41.27 6.97 2.82
C THR D 112 41.61 5.99 3.96
N SER D 113 42.21 6.43 5.07
CA SER D 113 42.42 5.53 6.25
C SER D 113 42.54 6.33 7.54
N ILE D 114 42.22 5.65 8.63
CA ILE D 114 42.26 6.17 10.02
C ILE D 114 43.41 5.44 10.71
N VAL D 115 44.32 6.19 11.32
CA VAL D 115 45.46 5.62 12.06
C VAL D 115 44.95 5.12 13.41
N LYS D 116 45.32 3.89 13.76
CA LYS D 116 45.00 3.24 15.06
C LYS D 116 45.51 4.11 16.21
N ASP D 117 44.70 4.23 17.27
CA ASP D 117 45.07 4.87 18.57
C ASP D 117 45.28 6.38 18.37
N SER D 118 44.72 6.97 17.32
CA SER D 118 44.82 8.41 17.01
C SER D 118 43.58 9.16 17.50
N SER D 119 43.63 10.48 17.51
CA SER D 119 42.48 11.38 17.79
C SER D 119 41.38 11.09 16.77
N ALA D 120 41.75 10.83 15.51
CA ALA D 120 40.80 10.51 14.42
C ALA D 120 40.04 9.24 14.79
N ALA D 121 40.76 8.21 15.25
CA ALA D 121 40.18 6.92 15.74
C ALA D 121 39.23 7.17 16.92
N ARG D 122 39.68 7.90 17.95
CA ARG D 122 38.87 8.15 19.18
C ARG D 122 37.59 8.93 18.81
N ASN D 123 37.63 9.79 17.79
CA ASN D 123 36.52 10.73 17.47
C ASN D 123 35.64 10.15 16.34
N GLY D 124 35.95 8.94 15.87
CA GLY D 124 35.11 8.22 14.88
C GLY D 124 35.12 8.88 13.50
N LEU D 125 36.26 9.45 13.09
CA LEU D 125 36.39 10.00 11.72
C LEU D 125 36.18 8.85 10.71
N LEU D 126 35.53 9.14 9.58
CA LEU D 126 35.15 8.10 8.58
C LEU D 126 35.95 8.27 7.28
N THR D 127 36.24 7.17 6.59
CA THR D 127 36.86 7.21 5.24
C THR D 127 35.78 7.43 4.17
N GLU D 128 36.17 7.54 2.90
CA GLU D 128 35.27 7.84 1.76
C GLU D 128 34.47 9.11 2.06
N HIS D 129 35.09 10.08 2.74
CA HIS D 129 34.54 11.42 3.03
C HIS D 129 35.51 12.46 2.48
N ASN D 130 34.98 13.47 1.81
CA ASN D 130 35.76 14.62 1.29
C ASN D 130 35.95 15.59 2.44
N ILE D 131 37.15 16.16 2.55
CA ILE D 131 37.45 17.25 3.52
C ILE D 131 36.94 18.54 2.89
N CYS D 132 36.04 19.25 3.55
CA CYS D 132 35.41 20.49 3.02
C CYS D 132 36.09 21.71 3.65
N GLU D 133 36.25 21.71 4.97
CA GLU D 133 36.89 22.82 5.72
C GLU D 133 37.80 22.23 6.80
N ILE D 134 38.89 22.94 7.08
CA ILE D 134 39.75 22.71 8.26
C ILE D 134 39.76 24.02 9.05
N ASN D 135 39.32 23.98 10.30
CA ASN D 135 39.26 25.17 11.19
C ASN D 135 38.61 26.34 10.45
N GLY D 136 37.48 26.08 9.78
CA GLY D 136 36.67 27.11 9.10
C GLY D 136 37.22 27.52 7.75
N GLN D 137 38.39 27.02 7.34
CA GLN D 137 39.00 27.38 6.04
C GLN D 137 38.54 26.37 4.98
N ASN D 138 38.02 26.86 3.86
CA ASN D 138 37.53 26.00 2.76
C ASN D 138 38.74 25.40 2.05
N VAL D 139 38.77 24.09 1.83
CA VAL D 139 39.92 23.37 1.23
C VAL D 139 39.46 22.61 -0.01
N ILE D 140 38.18 22.74 -0.41
CA ILE D 140 37.68 22.15 -1.68
C ILE D 140 38.52 22.76 -2.81
N GLY D 141 39.10 21.91 -3.67
CA GLY D 141 39.91 22.33 -4.82
C GLY D 141 41.38 22.57 -4.48
N LEU D 142 41.79 22.52 -3.21
CA LEU D 142 43.25 22.60 -2.87
C LEU D 142 43.94 21.28 -3.21
N LYS D 143 45.22 21.34 -3.55
CA LYS D 143 46.07 20.13 -3.78
C LYS D 143 46.28 19.48 -2.40
N ASP D 144 46.51 18.18 -2.38
CA ASP D 144 46.78 17.40 -1.14
C ASP D 144 47.90 18.06 -0.32
N SER D 145 48.96 18.56 -0.96
CA SER D 145 50.13 19.12 -0.23
C SER D 145 49.70 20.40 0.50
N GLN D 146 48.76 21.16 -0.09
CA GLN D 146 48.24 22.41 0.50
C GLN D 146 47.36 22.08 1.70
N ILE D 147 46.60 21.00 1.64
CA ILE D 147 45.77 20.51 2.78
C ILE D 147 46.71 20.12 3.92
N ALA D 148 47.76 19.35 3.62
CA ALA D 148 48.82 18.99 4.60
C ALA D 148 49.45 20.26 5.20
N ASP D 149 49.72 21.31 4.38
CA ASP D 149 50.33 22.56 4.88
C ASP D 149 49.40 23.18 5.93
N ILE D 150 48.09 23.23 5.66
CA ILE D 150 47.07 23.80 6.59
C ILE D 150 47.05 22.98 7.86
N LEU D 151 47.03 21.66 7.76
CA LEU D 151 46.98 20.77 8.96
C LEU D 151 48.29 20.97 9.76
N SER D 152 49.44 21.09 9.08
CA SER D 152 50.75 21.20 9.78
C SER D 152 50.83 22.54 10.54
N THR D 153 50.17 23.60 10.05
CA THR D 153 50.26 24.96 10.66
C THR D 153 49.15 25.15 11.69
N SER D 154 48.21 24.22 11.80
CA SER D 154 47.10 24.30 12.79
C SER D 154 47.65 24.25 14.23
N GLY D 155 46.96 24.94 15.15
CA GLY D 155 47.10 24.67 16.59
C GLY D 155 46.65 23.25 16.94
N THR D 156 46.59 22.96 18.23
CA THR D 156 46.32 21.59 18.78
C THR D 156 44.92 21.15 18.29
N VAL D 157 43.93 22.03 18.34
CA VAL D 157 42.51 21.74 18.02
C VAL D 157 42.35 21.79 16.50
N VAL D 158 41.92 20.68 15.90
CA VAL D 158 41.66 20.56 14.43
C VAL D 158 40.19 20.17 14.25
N THR D 159 39.36 21.10 13.79
CA THR D 159 37.92 20.87 13.50
C THR D 159 37.82 20.71 11.98
N ILE D 160 37.38 19.54 11.51
CA ILE D 160 37.21 19.34 10.05
C ILE D 160 35.72 19.15 9.74
N THR D 161 35.29 19.72 8.64
CA THR D 161 33.95 19.51 8.04
C THR D 161 34.15 18.50 6.91
N ILE D 162 33.38 17.43 6.93
CA ILE D 162 33.45 16.33 5.94
C ILE D 162 32.07 16.10 5.33
N MET D 163 32.05 15.32 4.26
CA MET D 163 30.84 14.91 3.53
C MET D 163 31.14 13.59 2.84
N PRO D 164 30.18 12.63 2.74
CA PRO D 164 30.39 11.41 1.98
C PRO D 164 30.81 11.80 0.56
N ALA D 165 31.83 11.12 0.02
CA ALA D 165 32.40 11.36 -1.34
C ALA D 165 31.36 11.02 -2.41
N PHE D 166 31.36 11.73 -3.54
CA PHE D 166 30.51 11.46 -4.74
C PHE D 166 30.98 12.27 -5.95
#